data_8VDW
#
_entry.id   8VDW
#
_cell.length_a   47.465
_cell.length_b   70.218
_cell.length_c   195.850
_cell.angle_alpha   90.00
_cell.angle_beta   90.00
_cell.angle_gamma   90.00
#
_symmetry.space_group_name_H-M   'P 21 21 21'
#
loop_
_entity.id
_entity.type
_entity.pdbx_description
1 polymer 'Biotin synthase'
2 non-polymer 'Fe4 H S5'
3 non-polymer S-ADENOSYLMETHIONINE
4 non-polymer 'IRON/SULFUR CLUSTER'
5 non-polymer '6-(5-METHYL-2-OXO-IMIDAZOLIDIN-4-YL)-HEXANOIC ACID'
6 non-polymer 'SODIUM ION'
7 water water
#
_entity_poly.entity_id   1
_entity_poly.type   'polypeptide(L)'
_entity_poly.pdbx_seq_one_letter_code
;MHHHHHHSSGVDLGTENLYFQSMALPIDQQPSQVGTYEKILTIANRIMNGGEITKEEAIELIHTSDDDTMILLAMADKIR
QHFNDNSVDVCAIVNARSGKCPENCKFCAQSAHHNTGVQEYPFMDEESILQAARKAKEAGAIRFSIVTSGRNTNNPDEFD
QIIHVLGRIKNEIGLEICCSLGLLTYEQALKLKEVGVTRYHSNIETAPSHFPDICTTHSYEDKMFTIDNAQKAGIRVCSG
GILGLNETLEQRVEMAFELKRLHIDSVPLNILNPVKGTPFESNEALRPLDILRTFAVFRFILPNALIRTAGGREVNLRDL
QAYALKGGLNGIMVGGYLTTGGRSPQDDLQMIQDLELTRNTAQV
;
_entity_poly.pdbx_strand_id   A,B
#
loop_
_chem_comp.id
_chem_comp.type
_chem_comp.name
_chem_comp.formula
DTB non-polymer '6-(5-METHYL-2-OXO-IMIDAZOLIDIN-4-YL)-HEXANOIC ACID' 'C10 H18 N2 O3'
NA non-polymer 'SODIUM ION' 'Na 1'
Q46 non-polymer 'Fe4 H S5' 'Fe4 H S5 4'
SAM non-polymer S-ADENOSYLMETHIONINE 'C15 H22 N6 O5 S'
SF4 non-polymer 'IRON/SULFUR CLUSTER' 'Fe4 S4'
#
# COMPACT_ATOMS: atom_id res chain seq x y z
N GLY A 35 5.26 20.98 -15.60
CA GLY A 35 4.81 20.56 -14.25
C GLY A 35 3.30 20.68 -14.09
N THR A 36 2.59 19.58 -14.37
CA THR A 36 1.14 19.51 -14.32
C THR A 36 0.66 19.56 -12.86
N TYR A 37 1.58 19.31 -11.92
CA TYR A 37 1.32 19.11 -10.50
C TYR A 37 1.85 20.29 -9.70
N GLU A 38 2.16 21.39 -10.39
CA GLU A 38 2.80 22.51 -9.73
C GLU A 38 1.86 23.19 -8.74
N LYS A 39 0.58 23.34 -9.11
CA LYS A 39 -0.37 24.03 -8.25
C LYS A 39 -0.54 23.23 -6.95
N ILE A 40 -0.43 21.89 -7.00
CA ILE A 40 -0.51 21.06 -5.80
C ILE A 40 0.58 21.46 -4.81
N LEU A 41 1.81 21.65 -5.33
CA LEU A 41 2.97 22.01 -4.54
C LEU A 41 2.82 23.43 -3.97
N THR A 42 2.33 24.36 -4.81
CA THR A 42 2.13 25.74 -4.39
C THR A 42 1.07 25.86 -3.29
N ILE A 43 -0.07 25.21 -3.47
CA ILE A 43 -1.13 25.29 -2.48
C ILE A 43 -0.64 24.65 -1.18
N ALA A 44 0.05 23.51 -1.28
CA ALA A 44 0.48 22.85 -0.07
C ALA A 44 1.44 23.75 0.70
N ASN A 45 2.37 24.39 0.00
CA ASN A 45 3.35 25.23 0.66
CA ASN A 45 3.35 25.26 0.62
C ASN A 45 2.64 26.43 1.29
N ARG A 46 1.61 26.94 0.65
CA ARG A 46 0.89 28.07 1.22
C ARG A 46 0.29 27.66 2.57
N ILE A 47 -0.28 26.45 2.61
CA ILE A 47 -0.96 25.98 3.80
C ILE A 47 0.06 25.80 4.91
N MET A 48 1.21 25.20 4.59
CA MET A 48 2.22 25.00 5.65
C MET A 48 2.86 26.32 6.10
N ASN A 49 2.80 27.39 5.28
CA ASN A 49 3.23 28.72 5.73
C ASN A 49 2.11 29.51 6.43
N GLY A 50 0.94 28.91 6.71
CA GLY A 50 -0.09 29.52 7.54
C GLY A 50 -1.38 29.90 6.80
N GLY A 51 -1.47 29.57 5.51
CA GLY A 51 -2.62 29.91 4.69
C GLY A 51 -3.68 28.82 4.66
N GLU A 52 -4.64 28.99 3.74
CA GLU A 52 -5.83 28.16 3.69
C GLU A 52 -6.16 27.87 2.23
N ILE A 53 -6.56 26.63 1.92
CA ILE A 53 -7.03 26.30 0.58
C ILE A 53 -8.42 26.93 0.39
N THR A 54 -8.71 27.40 -0.84
CA THR A 54 -10.04 27.89 -1.17
C THR A 54 -10.93 26.75 -1.67
N LYS A 55 -12.25 26.96 -1.59
CA LYS A 55 -13.20 25.98 -2.08
C LYS A 55 -12.91 25.63 -3.54
N GLU A 56 -12.61 26.67 -4.33
CA GLU A 56 -12.37 26.51 -5.76
C GLU A 56 -11.16 25.61 -5.99
N GLU A 57 -10.09 25.91 -5.27
CA GLU A 57 -8.87 25.12 -5.32
C GLU A 57 -9.11 23.69 -4.85
N ALA A 58 -9.93 23.48 -3.82
CA ALA A 58 -10.17 22.13 -3.32
C ALA A 58 -10.90 21.31 -4.38
N ILE A 59 -11.83 21.96 -5.10
CA ILE A 59 -12.53 21.31 -6.19
C ILE A 59 -11.55 20.88 -7.28
N GLU A 60 -10.57 21.72 -7.59
CA GLU A 60 -9.58 21.36 -8.59
C GLU A 60 -8.76 20.18 -8.09
N LEU A 61 -8.33 20.20 -6.83
CA LEU A 61 -7.44 19.16 -6.32
C LEU A 61 -8.15 17.81 -6.26
N ILE A 62 -9.45 17.80 -5.95
CA ILE A 62 -10.13 16.53 -5.84
C ILE A 62 -10.28 15.91 -7.24
N HIS A 63 -10.04 16.72 -8.28
CA HIS A 63 -9.99 16.23 -9.66
C HIS A 63 -8.57 15.93 -10.16
N THR A 64 -7.59 15.86 -9.27
CA THR A 64 -6.25 15.55 -9.71
C THR A 64 -6.27 14.24 -10.53
N SER A 65 -5.50 14.20 -11.62
CA SER A 65 -5.32 13.01 -12.45
C SER A 65 -4.69 11.86 -11.67
N ASP A 66 -4.86 10.64 -12.19
CA ASP A 66 -4.17 9.48 -11.67
C ASP A 66 -2.67 9.73 -11.69
N ASP A 67 -2.18 10.35 -12.77
CA ASP A 67 -0.76 10.52 -12.95
C ASP A 67 -0.17 11.44 -11.87
N ASP A 68 -0.95 12.42 -11.41
CA ASP A 68 -0.50 13.38 -10.41
C ASP A 68 -0.93 13.00 -8.99
N THR A 69 -1.55 11.83 -8.80
CA THR A 69 -2.20 11.53 -7.52
C THR A 69 -1.14 11.38 -6.44
N MET A 70 0.01 10.79 -6.76
CA MET A 70 1.02 10.56 -5.73
C MET A 70 1.60 11.87 -5.20
N ILE A 71 1.70 12.91 -6.04
CA ILE A 71 2.19 14.21 -5.57
C ILE A 71 1.17 14.80 -4.61
N LEU A 72 -0.12 14.60 -4.91
CA LEU A 72 -1.16 15.07 -4.02
C LEU A 72 -1.10 14.36 -2.67
N LEU A 73 -0.95 13.02 -2.69
CA LEU A 73 -0.89 12.26 -1.43
CA LEU A 73 -0.86 12.24 -1.46
C LEU A 73 0.35 12.68 -0.65
N ALA A 74 1.46 12.92 -1.36
CA ALA A 74 2.70 13.31 -0.71
C ALA A 74 2.54 14.64 0.01
N MET A 75 1.91 15.61 -0.67
CA MET A 75 1.76 16.91 -0.06
C MET A 75 0.82 16.81 1.15
N ALA A 76 -0.21 15.96 1.08
CA ALA A 76 -1.11 15.79 2.19
C ALA A 76 -0.36 15.16 3.35
N ASP A 77 0.60 14.29 3.04
CA ASP A 77 1.43 13.69 4.09
C ASP A 77 2.29 14.75 4.76
N LYS A 78 2.83 15.70 3.97
CA LYS A 78 3.60 16.81 4.49
C LYS A 78 2.75 17.74 5.35
N ILE A 79 1.50 18.02 4.91
CA ILE A 79 0.62 18.84 5.72
C ILE A 79 0.30 18.14 7.04
N ARG A 80 -0.02 16.86 6.97
CA ARG A 80 -0.30 16.07 8.17
C ARG A 80 0.90 16.18 9.12
N GLN A 81 2.12 15.99 8.61
CA GLN A 81 3.30 16.04 9.46
C GLN A 81 3.47 17.42 10.09
N HIS A 82 3.22 18.48 9.30
CA HIS A 82 3.54 19.84 9.71
C HIS A 82 2.69 20.24 10.91
N PHE A 83 1.42 19.85 10.90
CA PHE A 83 0.46 20.39 11.87
C PHE A 83 0.13 19.37 12.95
N ASN A 84 0.65 18.14 12.84
CA ASN A 84 0.26 17.09 13.78
C ASN A 84 1.53 16.44 14.30
N ASP A 85 1.65 15.13 14.17
CA ASP A 85 2.87 14.43 14.56
C ASP A 85 2.96 13.16 13.72
N ASN A 86 3.71 12.15 14.17
CA ASN A 86 3.88 10.95 13.38
C ASN A 86 3.23 9.75 14.07
N SER A 87 2.22 10.01 14.91
CA SER A 87 1.44 8.99 15.60
C SER A 87 0.19 8.67 14.80
N VAL A 88 -0.30 7.44 14.96
CA VAL A 88 -1.58 7.00 14.41
C VAL A 88 -2.48 6.59 15.56
N ASP A 89 -3.66 7.21 15.63
CA ASP A 89 -4.61 6.92 16.70
C ASP A 89 -5.48 5.73 16.29
N VAL A 90 -5.46 4.66 17.11
CA VAL A 90 -6.17 3.40 16.82
C VAL A 90 -7.43 3.29 17.69
N CYS A 91 -8.60 3.19 17.04
CA CYS A 91 -9.87 3.01 17.72
C CYS A 91 -10.54 1.71 17.31
N ALA A 92 -11.54 1.31 18.11
CA ALA A 92 -12.36 0.14 17.84
C ALA A 92 -13.76 0.37 18.40
N ILE A 93 -14.73 -0.41 17.92
CA ILE A 93 -16.12 -0.25 18.30
C ILE A 93 -16.76 -1.58 18.68
N VAL A 94 -17.92 -1.47 19.32
CA VAL A 94 -18.82 -2.60 19.47
C VAL A 94 -20.23 -2.18 19.10
N ASN A 95 -20.91 -3.07 18.37
CA ASN A 95 -22.33 -2.94 18.10
C ASN A 95 -23.10 -3.40 19.34
N ALA A 96 -23.48 -2.46 20.19
CA ALA A 96 -24.04 -2.78 21.49
C ALA A 96 -25.55 -2.96 21.44
N ARG A 97 -26.19 -2.55 20.35
CA ARG A 97 -27.63 -2.65 20.19
C ARG A 97 -27.92 -2.55 18.71
N SER A 98 -28.60 -3.55 18.14
CA SER A 98 -28.53 -3.80 16.70
C SER A 98 -29.93 -3.91 16.09
N GLY A 99 -30.06 -3.33 14.90
CA GLY A 99 -31.30 -3.33 14.16
C GLY A 99 -32.45 -2.54 14.79
N LYS A 100 -33.59 -2.55 14.07
CA LYS A 100 -34.89 -2.06 14.51
C LYS A 100 -34.86 -0.53 14.64
N CYS A 101 -34.19 0.12 13.69
CA CYS A 101 -34.12 1.56 13.75
C CYS A 101 -35.25 2.15 12.95
N PRO A 102 -36.01 3.14 13.50
CA PRO A 102 -37.08 3.80 12.73
C PRO A 102 -36.64 4.82 11.70
N GLU A 103 -35.32 5.07 11.65
CA GLU A 103 -34.74 5.98 10.66
C GLU A 103 -34.61 5.26 9.32
N ASN A 104 -34.73 6.01 8.21
CA ASN A 104 -34.68 5.41 6.89
C ASN A 104 -33.44 5.86 6.12
N CYS A 105 -32.28 5.94 6.81
CA CYS A 105 -31.02 6.21 6.13
C CYS A 105 -30.86 5.20 4.97
N LYS A 106 -30.64 5.66 3.72
CA LYS A 106 -30.63 4.79 2.56
C LYS A 106 -29.45 3.81 2.53
N PHE A 107 -28.42 4.07 3.36
CA PHE A 107 -27.20 3.29 3.37
C PHE A 107 -27.20 2.20 4.45
N CYS A 108 -28.15 2.23 5.39
CA CYS A 108 -27.95 1.56 6.67
C CYS A 108 -28.72 0.24 6.76
N ALA A 109 -28.01 -0.81 7.20
CA ALA A 109 -28.53 -2.15 7.31
C ALA A 109 -29.48 -2.29 8.50
N GLN A 110 -29.34 -1.41 9.50
CA GLN A 110 -30.07 -1.53 10.75
C GLN A 110 -31.40 -0.78 10.68
N SER A 111 -31.72 -0.15 9.55
CA SER A 111 -33.01 0.51 9.38
C SER A 111 -34.14 -0.51 9.25
N ALA A 112 -35.27 -0.20 9.88
CA ALA A 112 -36.45 -1.05 9.81
C ALA A 112 -37.19 -0.84 8.49
N HIS A 113 -36.91 0.26 7.75
CA HIS A 113 -37.65 0.51 6.51
C HIS A 113 -37.14 -0.37 5.37
N HIS A 114 -36.06 -1.12 5.62
CA HIS A 114 -35.39 -1.91 4.60
C HIS A 114 -35.25 -3.35 5.09
N ASN A 115 -35.50 -4.32 4.20
CA ASN A 115 -35.32 -5.72 4.53
C ASN A 115 -33.89 -6.11 4.19
N THR A 116 -33.09 -6.43 5.22
CA THR A 116 -31.65 -6.58 5.05
C THR A 116 -31.09 -7.81 5.75
N GLY A 117 -31.90 -8.47 6.57
CA GLY A 117 -31.50 -9.68 7.27
C GLY A 117 -30.58 -9.44 8.47
N VAL A 118 -30.57 -8.21 8.99
CA VAL A 118 -29.64 -7.85 10.05
C VAL A 118 -30.06 -8.47 11.37
N GLN A 119 -29.07 -8.97 12.12
CA GLN A 119 -29.18 -9.32 13.53
C GLN A 119 -29.84 -8.18 14.29
N GLU A 120 -30.88 -8.51 15.06
CA GLU A 120 -31.55 -7.58 15.94
C GLU A 120 -31.38 -8.02 17.39
N TYR A 121 -31.01 -7.09 18.27
CA TYR A 121 -30.87 -7.42 19.67
C TYR A 121 -30.88 -6.13 20.50
N PRO A 122 -31.36 -6.18 21.75
CA PRO A 122 -31.31 -5.00 22.62
C PRO A 122 -29.95 -4.89 23.31
N PHE A 123 -29.79 -3.81 24.09
CA PHE A 123 -28.50 -3.42 24.60
C PHE A 123 -27.83 -4.65 25.23
N MET A 124 -26.59 -4.93 24.83
CA MET A 124 -25.85 -6.11 25.24
C MET A 124 -25.57 -6.05 26.74
N ASP A 125 -25.22 -7.20 27.33
CA ASP A 125 -24.97 -7.31 28.77
C ASP A 125 -23.56 -6.84 29.12
N GLU A 126 -23.40 -6.29 30.32
CA GLU A 126 -22.16 -5.67 30.71
C GLU A 126 -20.96 -6.58 30.44
N GLU A 127 -21.10 -7.88 30.72
CA GLU A 127 -19.92 -8.72 30.72
C GLU A 127 -19.47 -8.99 29.28
N SER A 128 -20.41 -9.06 28.35
CA SER A 128 -20.13 -9.22 26.92
C SER A 128 -19.40 -7.99 26.39
N ILE A 129 -19.93 -6.82 26.75
CA ILE A 129 -19.40 -5.55 26.31
C ILE A 129 -17.97 -5.41 26.84
N LEU A 130 -17.75 -5.80 28.10
CA LEU A 130 -16.43 -5.67 28.69
C LEU A 130 -15.47 -6.65 28.01
N GLN A 131 -16.00 -7.80 27.59
CA GLN A 131 -15.15 -8.79 26.94
C GLN A 131 -14.72 -8.25 25.57
N ALA A 132 -15.63 -7.55 24.89
CA ALA A 132 -15.32 -6.92 23.61
C ALA A 132 -14.29 -5.81 23.81
N ALA A 133 -14.42 -5.04 24.89
CA ALA A 133 -13.46 -3.98 25.18
C ALA A 133 -12.07 -4.55 25.47
N ARG A 134 -12.00 -5.67 26.20
CA ARG A 134 -10.73 -6.28 26.54
C ARG A 134 -10.03 -6.70 25.26
N LYS A 135 -10.82 -7.32 24.37
CA LYS A 135 -10.32 -7.78 23.09
C LYS A 135 -9.79 -6.60 22.27
N ALA A 136 -10.49 -5.47 22.29
CA ALA A 136 -10.06 -4.30 21.55
C ALA A 136 -8.72 -3.80 22.05
N LYS A 137 -8.58 -3.70 23.38
CA LYS A 137 -7.35 -3.28 24.00
C LYS A 137 -6.21 -4.21 23.65
N GLU A 138 -6.44 -5.53 23.75
CA GLU A 138 -5.46 -6.54 23.37
C GLU A 138 -5.03 -6.32 21.92
N ALA A 139 -5.97 -5.92 21.05
CA ALA A 139 -5.72 -5.70 19.64
C ALA A 139 -4.95 -4.41 19.34
N GLY A 140 -4.75 -3.51 20.31
CA GLY A 140 -3.99 -2.30 20.07
C GLY A 140 -4.80 -1.00 20.05
N ALA A 141 -6.12 -1.09 20.26
CA ALA A 141 -6.95 0.11 20.35
C ALA A 141 -6.60 0.88 21.61
N ILE A 142 -6.53 2.22 21.51
CA ILE A 142 -6.33 3.08 22.67
C ILE A 142 -7.70 3.58 23.16
N ARG A 143 -8.73 3.48 22.32
CA ARG A 143 -10.06 3.95 22.67
C ARG A 143 -11.10 3.08 21.99
N PHE A 144 -12.32 3.13 22.52
CA PHE A 144 -13.36 2.16 22.25
C PHE A 144 -14.74 2.79 22.37
N SER A 145 -15.62 2.53 21.39
CA SER A 145 -16.92 3.17 21.25
C SER A 145 -18.04 2.15 21.45
N ILE A 146 -18.93 2.47 22.39
CA ILE A 146 -20.25 1.87 22.45
C ILE A 146 -21.10 2.54 21.38
N VAL A 147 -21.56 1.75 20.39
CA VAL A 147 -22.41 2.23 19.30
C VAL A 147 -23.76 1.54 19.38
N THR A 148 -24.85 2.30 19.13
CA THR A 148 -26.21 1.78 19.12
C THR A 148 -26.93 2.11 17.81
N SER A 149 -27.71 1.18 17.28
CA SER A 149 -28.78 1.55 16.35
C SER A 149 -29.83 2.40 17.07
N GLY A 150 -30.70 3.04 16.29
CA GLY A 150 -31.81 3.85 16.80
C GLY A 150 -31.66 5.35 16.49
N ARG A 151 -32.78 6.07 16.54
CA ARG A 151 -32.75 7.53 16.47
C ARG A 151 -31.87 8.12 17.58
N ASN A 152 -32.02 7.54 18.79
CA ASN A 152 -31.45 8.03 20.04
C ASN A 152 -31.71 6.99 21.12
N THR A 153 -31.42 7.33 22.39
CA THR A 153 -31.98 6.60 23.54
C THR A 153 -32.89 7.56 24.32
N ASN A 154 -34.19 7.30 24.32
CA ASN A 154 -35.17 8.14 24.99
C ASN A 154 -35.43 7.68 26.42
N ASN A 155 -35.48 6.36 26.62
CA ASN A 155 -35.71 5.81 27.95
C ASN A 155 -34.53 6.17 28.84
N PRO A 156 -34.74 6.95 29.93
CA PRO A 156 -33.64 7.35 30.80
C PRO A 156 -32.94 6.19 31.52
N ASP A 157 -33.61 5.04 31.65
CA ASP A 157 -33.05 3.88 32.35
C ASP A 157 -32.06 3.15 31.45
N GLU A 158 -32.45 2.99 30.19
CA GLU A 158 -31.58 2.40 29.18
C GLU A 158 -30.31 3.25 29.06
N PHE A 159 -30.48 4.56 29.14
CA PHE A 159 -29.35 5.47 29.03
C PHE A 159 -28.38 5.28 30.21
N ASP A 160 -28.91 5.07 31.42
CA ASP A 160 -28.09 4.94 32.63
C ASP A 160 -27.29 3.64 32.57
N GLN A 161 -27.83 2.66 31.86
CA GLN A 161 -27.15 1.39 31.61
C GLN A 161 -25.94 1.64 30.72
N ILE A 162 -26.10 2.51 29.72
CA ILE A 162 -25.00 2.89 28.85
C ILE A 162 -23.94 3.58 29.69
N ILE A 163 -24.36 4.54 30.53
CA ILE A 163 -23.45 5.26 31.40
C ILE A 163 -22.70 4.27 32.29
N HIS A 164 -23.39 3.28 32.85
CA HIS A 164 -22.78 2.38 33.82
C HIS A 164 -21.61 1.63 33.19
N VAL A 165 -21.79 1.11 31.98
CA VAL A 165 -20.79 0.24 31.36
C VAL A 165 -19.64 1.09 30.81
N LEU A 166 -19.96 2.25 30.22
CA LEU A 166 -18.92 3.21 29.84
C LEU A 166 -17.94 3.41 31.00
N GLY A 167 -18.51 3.61 32.20
CA GLY A 167 -17.74 3.79 33.41
C GLY A 167 -16.79 2.62 33.66
N ARG A 168 -17.31 1.39 33.53
CA ARG A 168 -16.50 0.22 33.85
C ARG A 168 -15.42 0.02 32.80
N ILE A 169 -15.71 0.31 31.53
CA ILE A 169 -14.69 0.21 30.51
C ILE A 169 -13.53 1.15 30.85
N LYS A 170 -13.84 2.42 31.12
CA LYS A 170 -12.78 3.37 31.38
C LYS A 170 -11.98 2.96 32.63
N ASN A 171 -12.70 2.64 33.71
CA ASN A 171 -12.10 2.50 35.02
C ASN A 171 -11.45 1.12 35.22
N GLU A 172 -12.03 0.06 34.63
CA GLU A 172 -11.55 -1.29 34.87
C GLU A 172 -10.64 -1.76 33.74
N ILE A 173 -11.02 -1.49 32.48
CA ILE A 173 -10.26 -1.99 31.33
C ILE A 173 -9.16 -0.99 30.98
N GLY A 174 -9.37 0.31 31.24
CA GLY A 174 -8.31 1.29 31.03
C GLY A 174 -8.17 1.71 29.56
N LEU A 175 -9.28 1.77 28.83
CA LEU A 175 -9.36 2.40 27.52
C LEU A 175 -10.01 3.77 27.67
N GLU A 176 -9.63 4.71 26.79
CA GLU A 176 -10.41 5.93 26.64
C GLU A 176 -11.72 5.48 26.01
N ILE A 177 -12.79 6.24 26.24
CA ILE A 177 -14.11 5.84 25.83
C ILE A 177 -14.75 6.87 24.91
N CYS A 178 -15.32 6.33 23.83
CA CYS A 178 -16.15 7.05 22.88
C CYS A 178 -17.55 6.45 22.95
N CYS A 179 -18.54 7.15 22.40
CA CYS A 179 -19.80 6.49 22.10
C CYS A 179 -20.50 7.18 20.94
N SER A 180 -21.41 6.41 20.33
CA SER A 180 -22.21 6.80 19.16
C SER A 180 -23.66 6.40 19.42
N LEU A 181 -24.44 7.33 19.98
CA LEU A 181 -25.76 7.00 20.50
C LEU A 181 -26.87 7.72 19.71
N GLY A 182 -26.54 8.32 18.57
CA GLY A 182 -27.52 9.05 17.78
C GLY A 182 -27.73 10.48 18.28
N LEU A 183 -28.95 10.99 18.09
CA LEU A 183 -29.29 12.34 18.54
C LEU A 183 -29.17 12.43 20.06
N LEU A 184 -28.51 13.49 20.54
CA LEU A 184 -28.14 13.62 21.94
C LEU A 184 -28.68 14.93 22.50
N THR A 185 -29.23 14.90 23.72
CA THR A 185 -29.68 16.11 24.39
C THR A 185 -28.51 16.69 25.18
N TYR A 186 -28.64 17.95 25.58
CA TYR A 186 -27.59 18.59 26.36
C TYR A 186 -27.43 17.85 27.68
N GLU A 187 -28.55 17.44 28.30
CA GLU A 187 -28.51 16.77 29.59
C GLU A 187 -27.82 15.41 29.44
N GLN A 188 -28.03 14.75 28.31
CA GLN A 188 -27.35 13.48 28.09
C GLN A 188 -25.85 13.72 27.92
N ALA A 189 -25.50 14.77 27.17
CA ALA A 189 -24.10 15.13 26.96
C ALA A 189 -23.39 15.43 28.27
N LEU A 190 -24.07 16.11 29.21
CA LEU A 190 -23.45 16.37 30.51
C LEU A 190 -23.16 15.07 31.24
N LYS A 191 -24.09 14.09 31.17
CA LYS A 191 -23.87 12.83 31.87
C LYS A 191 -22.70 12.07 31.25
N LEU A 192 -22.53 12.17 29.91
CA LEU A 192 -21.42 11.45 29.27
C LEU A 192 -20.10 12.09 29.66
N LYS A 193 -20.09 13.43 29.70
CA LYS A 193 -18.89 14.12 30.16
C LYS A 193 -18.53 13.61 31.57
N GLU A 194 -19.53 13.52 32.45
CA GLU A 194 -19.32 13.18 33.85
C GLU A 194 -18.70 11.79 34.00
N VAL A 195 -19.13 10.82 33.19
CA VAL A 195 -18.59 9.48 33.31
C VAL A 195 -17.22 9.34 32.62
N GLY A 196 -16.82 10.34 31.80
CA GLY A 196 -15.46 10.35 31.27
C GLY A 196 -15.36 10.07 29.77
N VAL A 197 -16.48 10.15 29.04
CA VAL A 197 -16.46 10.07 27.58
C VAL A 197 -15.60 11.20 27.03
N THR A 198 -14.63 10.88 26.18
CA THR A 198 -13.72 11.86 25.62
C THR A 198 -14.01 12.10 24.13
N ARG A 199 -14.79 11.23 23.47
CA ARG A 199 -15.25 11.54 22.13
C ARG A 199 -16.72 11.14 21.99
N TYR A 200 -17.53 12.08 21.49
CA TYR A 200 -18.91 11.80 21.16
C TYR A 200 -18.99 11.76 19.62
N HIS A 201 -19.49 10.66 19.08
CA HIS A 201 -19.52 10.40 17.65
C HIS A 201 -20.90 10.68 17.08
N SER A 202 -20.94 11.53 16.07
CA SER A 202 -22.15 11.85 15.34
C SER A 202 -21.80 12.31 13.94
N ASN A 203 -21.86 11.39 12.96
CA ASN A 203 -21.52 11.70 11.58
C ASN A 203 -22.55 12.63 10.95
N ILE A 204 -22.06 13.62 10.19
CA ILE A 204 -22.91 14.43 9.32
C ILE A 204 -23.28 13.65 8.06
N GLU A 205 -22.48 12.61 7.73
CA GLU A 205 -22.77 11.63 6.70
C GLU A 205 -22.39 12.16 5.32
N THR A 206 -22.90 13.35 4.95
CA THR A 206 -22.66 13.90 3.63
C THR A 206 -22.75 15.42 3.71
N ALA A 207 -22.54 16.09 2.57
CA ALA A 207 -22.73 17.52 2.49
C ALA A 207 -24.19 17.87 2.77
N PRO A 208 -24.49 19.03 3.42
CA PRO A 208 -25.86 19.50 3.61
C PRO A 208 -26.73 19.42 2.35
N SER A 209 -26.16 19.81 1.21
CA SER A 209 -26.93 19.81 -0.03
C SER A 209 -27.31 18.40 -0.49
N HIS A 210 -26.69 17.34 0.07
CA HIS A 210 -27.03 15.99 -0.37
C HIS A 210 -27.77 15.22 0.72
N PHE A 211 -27.95 15.83 1.91
CA PHE A 211 -28.45 15.08 3.04
C PHE A 211 -29.86 14.59 2.79
N PRO A 212 -30.77 15.43 2.24
CA PRO A 212 -32.14 15.02 1.94
C PRO A 212 -32.21 13.79 1.04
N ASP A 213 -31.15 13.54 0.24
CA ASP A 213 -31.12 12.43 -0.70
C ASP A 213 -30.69 11.14 -0.01
N ILE A 214 -30.34 11.22 1.28
CA ILE A 214 -29.96 10.01 1.97
C ILE A 214 -30.86 9.71 3.16
N CYS A 215 -31.59 10.71 3.71
CA CYS A 215 -32.39 10.52 4.92
C CYS A 215 -33.53 11.54 4.95
N THR A 216 -34.73 11.09 5.38
CA THR A 216 -35.88 11.99 5.59
C THR A 216 -36.55 11.78 6.96
N THR A 217 -36.17 10.76 7.75
CA THR A 217 -36.73 10.61 9.09
C THR A 217 -36.08 11.59 10.09
N HIS A 218 -34.87 12.07 9.79
CA HIS A 218 -34.29 13.21 10.50
C HIS A 218 -33.54 14.08 9.51
N SER A 219 -33.14 15.28 9.95
CA SER A 219 -32.58 16.26 9.04
C SER A 219 -31.12 16.58 9.39
N TYR A 220 -30.50 17.33 8.48
CA TYR A 220 -29.13 17.77 8.66
C TYR A 220 -29.08 18.61 9.93
N GLU A 221 -30.13 19.40 10.19
CA GLU A 221 -30.05 20.29 11.35
C GLU A 221 -30.16 19.50 12.65
N ASP A 222 -30.83 18.37 12.64
CA ASP A 222 -30.84 17.49 13.80
C ASP A 222 -29.40 17.13 14.20
N LYS A 223 -28.55 16.83 13.22
CA LYS A 223 -27.14 16.52 13.51
C LYS A 223 -26.44 17.74 14.10
N MET A 224 -26.76 18.94 13.61
CA MET A 224 -26.11 20.15 14.10
C MET A 224 -26.39 20.41 15.57
N PHE A 225 -27.63 20.16 16.02
CA PHE A 225 -27.94 20.32 17.43
C PHE A 225 -27.15 19.32 18.29
N THR A 226 -27.06 18.06 17.83
CA THR A 226 -26.35 17.02 18.57
C THR A 226 -24.89 17.43 18.76
N ILE A 227 -24.22 17.87 17.70
CA ILE A 227 -22.83 18.28 17.75
C ILE A 227 -22.69 19.41 18.76
N ASP A 228 -23.58 20.44 18.70
CA ASP A 228 -23.49 21.60 19.59
C ASP A 228 -23.65 21.16 21.05
N ASN A 229 -24.68 20.35 21.29
CA ASN A 229 -24.95 19.84 22.64
C ASN A 229 -23.70 19.14 23.19
N ALA A 230 -23.05 18.28 22.39
CA ALA A 230 -21.88 17.55 22.89
C ALA A 230 -20.72 18.50 23.18
N GLN A 231 -20.45 19.41 22.23
CA GLN A 231 -19.39 20.39 22.39
C GLN A 231 -19.63 21.26 23.62
N LYS A 232 -20.89 21.67 23.83
CA LYS A 232 -21.18 22.59 24.91
C LYS A 232 -21.05 21.92 26.26
N ALA A 233 -21.16 20.59 26.29
CA ALA A 233 -20.90 19.82 27.49
C ALA A 233 -19.41 19.60 27.72
N GLY A 234 -18.57 19.97 26.76
CA GLY A 234 -17.13 19.84 26.90
C GLY A 234 -16.55 18.57 26.27
N ILE A 235 -17.30 17.92 25.39
CA ILE A 235 -16.81 16.69 24.78
C ILE A 235 -16.32 17.01 23.37
N ARG A 236 -15.16 16.46 23.01
CA ARG A 236 -14.68 16.49 21.63
C ARG A 236 -15.60 15.66 20.75
N VAL A 237 -16.08 16.27 19.66
CA VAL A 237 -16.98 15.56 18.76
C VAL A 237 -16.18 14.92 17.62
N CYS A 238 -16.55 13.68 17.31
CA CYS A 238 -15.97 12.93 16.21
C CYS A 238 -17.06 12.88 15.16
N SER A 239 -16.84 13.57 14.04
CA SER A 239 -17.89 13.65 13.03
C SER A 239 -17.27 13.57 11.66
N GLY A 240 -17.80 12.66 10.86
CA GLY A 240 -17.38 12.53 9.47
C GLY A 240 -18.58 12.08 8.64
N GLY A 241 -18.39 11.06 7.82
CA GLY A 241 -19.49 10.52 7.04
C GLY A 241 -19.02 9.41 6.09
N ILE A 242 -19.72 9.31 4.95
CA ILE A 242 -19.56 8.18 4.06
C ILE A 242 -19.32 8.70 2.65
N LEU A 243 -18.21 8.25 2.03
CA LEU A 243 -17.98 8.40 0.61
C LEU A 243 -18.72 7.31 -0.15
N GLY A 244 -19.23 7.68 -1.33
CA GLY A 244 -19.94 6.74 -2.21
C GLY A 244 -21.45 6.73 -2.03
N LEU A 245 -22.03 7.81 -1.51
CA LEU A 245 -23.48 7.91 -1.34
C LEU A 245 -24.16 8.60 -2.53
N ASN A 246 -23.52 8.56 -3.71
CA ASN A 246 -23.92 9.29 -4.92
C ASN A 246 -23.75 10.81 -4.81
N GLU A 247 -23.02 11.33 -3.81
CA GLU A 247 -22.62 12.72 -3.81
C GLU A 247 -21.74 13.06 -5.01
N THR A 248 -21.69 14.33 -5.42
CA THR A 248 -20.69 14.76 -6.39
C THR A 248 -19.36 15.00 -5.68
N LEU A 249 -18.26 15.08 -6.45
CA LEU A 249 -16.97 15.43 -5.86
C LEU A 249 -17.08 16.79 -5.19
N GLU A 250 -17.84 17.72 -5.79
CA GLU A 250 -18.02 19.06 -5.23
C GLU A 250 -18.67 18.92 -3.85
N GLN A 251 -19.61 17.98 -3.70
CA GLN A 251 -20.30 17.82 -2.44
C GLN A 251 -19.36 17.24 -1.36
N ARG A 252 -18.39 16.40 -1.75
CA ARG A 252 -17.39 15.94 -0.79
C ARG A 252 -16.60 17.12 -0.23
N VAL A 253 -16.27 18.09 -1.09
CA VAL A 253 -15.56 19.27 -0.66
C VAL A 253 -16.47 20.09 0.27
N GLU A 254 -17.74 20.25 -0.09
CA GLU A 254 -18.67 20.97 0.77
C GLU A 254 -18.71 20.34 2.15
N MET A 255 -18.66 19.01 2.19
CA MET A 255 -18.72 18.27 3.44
C MET A 255 -17.51 18.59 4.32
N ALA A 256 -16.29 18.61 3.72
CA ALA A 256 -15.10 18.99 4.48
C ALA A 256 -15.20 20.42 5.03
N PHE A 257 -15.64 21.37 4.19
CA PHE A 257 -15.79 22.77 4.61
C PHE A 257 -16.79 22.91 5.75
N GLU A 258 -17.83 22.07 5.80
CA GLU A 258 -18.79 22.10 6.89
C GLU A 258 -18.14 21.61 8.18
N LEU A 259 -17.31 20.56 8.07
CA LEU A 259 -16.61 20.10 9.26
C LEU A 259 -15.67 21.21 9.72
N LYS A 260 -15.08 21.93 8.76
CA LYS A 260 -14.21 23.06 9.09
C LYS A 260 -14.99 24.12 9.86
N ARG A 261 -16.14 24.53 9.33
CA ARG A 261 -16.94 25.56 9.99
C ARG A 261 -17.32 25.14 11.41
N LEU A 262 -17.60 23.84 11.60
CA LEU A 262 -18.03 23.29 12.87
C LEU A 262 -16.87 23.04 13.84
N HIS A 263 -15.63 23.29 13.41
CA HIS A 263 -14.43 23.11 14.24
C HIS A 263 -14.31 21.64 14.65
N ILE A 264 -14.68 20.75 13.74
CA ILE A 264 -14.53 19.33 14.00
C ILE A 264 -13.05 18.97 13.79
N ASP A 265 -12.48 18.23 14.72
CA ASP A 265 -11.07 17.92 14.59
C ASP A 265 -10.83 16.42 14.82
N SER A 266 -11.90 15.64 14.72
CA SER A 266 -11.84 14.19 14.71
C SER A 266 -12.84 13.72 13.66
N VAL A 267 -12.34 13.13 12.56
CA VAL A 267 -13.12 12.91 11.35
C VAL A 267 -12.96 11.48 10.85
N PRO A 268 -13.95 10.58 11.03
CA PRO A 268 -13.93 9.26 10.42
C PRO A 268 -14.55 9.28 9.02
N LEU A 269 -13.78 8.78 8.06
CA LEU A 269 -14.22 8.76 6.68
C LEU A 269 -14.55 7.33 6.28
N ASN A 270 -15.85 7.04 6.27
CA ASN A 270 -16.31 5.73 5.85
C ASN A 270 -16.39 5.69 4.33
N ILE A 271 -16.29 4.46 3.79
CA ILE A 271 -16.57 4.20 2.39
C ILE A 271 -17.75 3.23 2.32
N LEU A 272 -18.78 3.57 1.52
CA LEU A 272 -20.01 2.78 1.54
C LEU A 272 -19.67 1.32 1.30
N ASN A 273 -20.15 0.48 2.20
CA ASN A 273 -20.23 -0.94 1.96
C ASN A 273 -21.70 -1.20 1.62
N PRO A 274 -22.08 -1.34 0.33
CA PRO A 274 -23.51 -1.39 -0.04
C PRO A 274 -24.17 -2.64 0.53
N VAL A 275 -25.30 -2.41 1.21
CA VAL A 275 -26.01 -3.46 1.92
C VAL A 275 -27.22 -3.89 1.09
N LYS A 276 -27.31 -5.21 0.88
CA LYS A 276 -28.41 -5.83 0.15
C LYS A 276 -29.70 -5.51 0.88
N GLY A 277 -30.68 -4.94 0.16
CA GLY A 277 -31.97 -4.62 0.75
C GLY A 277 -32.14 -3.12 0.97
N THR A 278 -31.06 -2.35 0.90
CA THR A 278 -31.13 -0.92 1.11
C THR A 278 -31.25 -0.23 -0.26
N PRO A 279 -31.87 0.96 -0.32
CA PRO A 279 -31.92 1.73 -1.56
C PRO A 279 -30.55 1.99 -2.21
N PHE A 280 -29.46 1.94 -1.42
CA PHE A 280 -28.12 2.12 -1.98
C PHE A 280 -27.43 0.78 -2.25
N GLU A 281 -28.15 -0.34 -2.30
CA GLU A 281 -27.47 -1.61 -2.53
C GLU A 281 -26.78 -1.61 -3.89
N SER A 282 -27.21 -0.80 -4.84
CA SER A 282 -26.60 -0.88 -6.17
C SER A 282 -25.72 0.33 -6.47
N ASN A 283 -25.33 1.11 -5.44
CA ASN A 283 -24.40 2.20 -5.70
C ASN A 283 -23.08 1.65 -6.23
N GLU A 284 -22.45 2.36 -7.17
CA GLU A 284 -21.19 1.89 -7.73
C GLU A 284 -20.03 2.10 -6.77
N ALA A 285 -19.12 1.11 -6.75
CA ALA A 285 -17.87 1.24 -6.01
C ALA A 285 -17.08 2.44 -6.53
N LEU A 286 -16.37 3.11 -5.62
CA LEU A 286 -15.42 4.13 -6.01
C LEU A 286 -14.08 3.50 -6.36
N ARG A 287 -13.34 4.15 -7.26
CA ARG A 287 -11.97 3.75 -7.58
C ARG A 287 -11.08 4.01 -6.37
N PRO A 288 -10.15 3.10 -5.98
CA PRO A 288 -9.23 3.40 -4.87
C PRO A 288 -8.58 4.77 -4.96
N LEU A 289 -8.06 5.16 -6.12
CA LEU A 289 -7.38 6.45 -6.17
C LEU A 289 -8.36 7.59 -5.93
N ASP A 290 -9.62 7.42 -6.31
CA ASP A 290 -10.60 8.49 -6.07
C ASP A 290 -10.75 8.70 -4.56
N ILE A 291 -10.85 7.59 -3.83
CA ILE A 291 -10.97 7.61 -2.38
C ILE A 291 -9.74 8.29 -1.79
N LEU A 292 -8.56 7.86 -2.23
CA LEU A 292 -7.32 8.38 -1.65
C LEU A 292 -7.17 9.87 -1.98
N ARG A 293 -7.56 10.31 -3.19
CA ARG A 293 -7.50 11.74 -3.49
C ARG A 293 -8.42 12.51 -2.55
N THR A 294 -9.58 11.93 -2.24
CA THR A 294 -10.56 12.57 -1.37
C THR A 294 -9.97 12.73 0.03
N PHE A 295 -9.33 11.68 0.55
CA PHE A 295 -8.68 11.73 1.85
C PHE A 295 -7.65 12.87 1.87
N ALA A 296 -6.83 12.97 0.82
CA ALA A 296 -5.81 13.98 0.77
C ALA A 296 -6.41 15.38 0.78
N VAL A 297 -7.47 15.61 0.01
CA VAL A 297 -8.14 16.91 -0.03
C VAL A 297 -8.76 17.27 1.32
N PHE A 298 -9.31 16.29 2.05
CA PHE A 298 -9.79 16.54 3.39
C PHE A 298 -8.64 17.04 4.27
N ARG A 299 -7.44 16.45 4.13
CA ARG A 299 -6.30 16.95 4.90
C ARG A 299 -5.93 18.39 4.53
N PHE A 300 -6.02 18.75 3.25
CA PHE A 300 -5.69 20.12 2.86
C PHE A 300 -6.68 21.10 3.50
N ILE A 301 -7.95 20.71 3.58
CA ILE A 301 -8.99 21.57 4.14
C ILE A 301 -8.93 21.60 5.67
N LEU A 302 -8.47 20.48 6.28
CA LEU A 302 -8.48 20.32 7.72
C LEU A 302 -7.09 19.94 8.21
N PRO A 303 -6.10 20.83 8.10
CA PRO A 303 -4.70 20.51 8.37
C PRO A 303 -4.41 20.02 9.79
N ASN A 304 -5.22 20.44 10.76
CA ASN A 304 -5.03 20.18 12.19
C ASN A 304 -5.83 18.98 12.70
N ALA A 305 -6.60 18.29 11.84
CA ALA A 305 -7.58 17.33 12.29
C ALA A 305 -6.99 15.91 12.37
N LEU A 306 -7.60 15.12 13.25
CA LEU A 306 -7.34 13.69 13.37
C LEU A 306 -8.33 12.98 12.43
N ILE A 307 -7.84 12.57 11.27
CA ILE A 307 -8.70 12.07 10.20
C ILE A 307 -8.41 10.59 10.04
N ARG A 308 -9.46 9.76 10.12
CA ARG A 308 -9.21 8.31 10.15
C ARG A 308 -10.10 7.61 9.13
N THR A 309 -9.71 6.38 8.82
CA THR A 309 -10.61 5.48 8.12
C THR A 309 -11.54 4.84 9.14
N ALA A 310 -12.70 4.40 8.67
CA ALA A 310 -13.63 3.68 9.51
C ALA A 310 -14.17 2.52 8.69
N GLY A 311 -15.48 2.46 8.48
CA GLY A 311 -16.04 1.34 7.76
C GLY A 311 -15.64 1.34 6.29
N GLY A 312 -15.62 0.12 5.70
CA GLY A 312 -15.39 -0.11 4.29
C GLY A 312 -13.94 0.07 3.84
N ARG A 313 -12.99 0.20 4.78
CA ARG A 313 -11.60 0.39 4.41
C ARG A 313 -11.01 -0.80 3.63
N GLU A 314 -11.07 -2.01 4.19
CA GLU A 314 -10.40 -3.16 3.59
C GLU A 314 -11.07 -3.52 2.25
N VAL A 315 -12.41 -3.46 2.24
CA VAL A 315 -13.19 -3.90 1.10
C VAL A 315 -12.92 -3.01 -0.12
N ASN A 316 -12.74 -1.70 0.12
CA ASN A 316 -12.78 -0.72 -0.94
C ASN A 316 -11.39 -0.21 -1.33
N LEU A 317 -10.37 -0.31 -0.44
CA LEU A 317 -9.03 0.13 -0.76
C LEU A 317 -8.08 -1.05 -1.05
N ARG A 318 -8.38 -2.24 -0.52
CA ARG A 318 -7.62 -3.44 -0.81
C ARG A 318 -6.14 -3.18 -0.52
N ASP A 319 -5.23 -3.46 -1.47
CA ASP A 319 -3.80 -3.35 -1.19
C ASP A 319 -3.32 -1.91 -1.27
N LEU A 320 -4.22 -0.93 -1.40
CA LEU A 320 -3.84 0.47 -1.33
C LEU A 320 -4.20 1.10 0.02
N GLN A 321 -4.71 0.31 0.97
CA GLN A 321 -5.05 0.82 2.30
C GLN A 321 -3.90 1.57 2.92
N ALA A 322 -2.66 1.05 2.80
CA ALA A 322 -1.48 1.69 3.38
C ALA A 322 -1.24 3.10 2.88
N TYR A 323 -1.74 3.41 1.66
CA TYR A 323 -1.54 4.74 1.12
C TYR A 323 -2.19 5.78 2.03
N ALA A 324 -3.29 5.45 2.71
CA ALA A 324 -4.05 6.45 3.44
C ALA A 324 -3.20 7.12 4.53
N LEU A 325 -2.41 6.34 5.27
CA LEU A 325 -1.66 6.86 6.41
C LEU A 325 -0.38 7.61 6.00
N LYS A 326 0.11 7.45 4.77
CA LYS A 326 1.09 8.37 4.22
C LYS A 326 0.48 9.23 3.11
N GLY A 327 -0.85 9.47 3.19
CA GLY A 327 -1.53 10.34 2.24
C GLY A 327 -2.57 11.25 2.89
N GLY A 328 -2.34 11.62 4.15
CA GLY A 328 -3.16 12.60 4.82
C GLY A 328 -3.83 12.12 6.11
N LEU A 329 -4.15 10.83 6.23
CA LEU A 329 -4.81 10.32 7.43
C LEU A 329 -3.79 10.03 8.54
N ASN A 330 -4.29 10.03 9.79
CA ASN A 330 -3.44 9.77 10.95
C ASN A 330 -4.21 9.06 12.05
N GLY A 331 -5.25 8.34 11.65
CA GLY A 331 -5.94 7.42 12.52
C GLY A 331 -6.56 6.27 11.75
N ILE A 332 -6.98 5.25 12.49
CA ILE A 332 -7.47 4.01 11.89
C ILE A 332 -8.38 3.32 12.89
N MET A 333 -9.52 2.85 12.38
CA MET A 333 -10.41 1.98 13.13
C MET A 333 -10.07 0.53 12.78
N VAL A 334 -9.82 -0.29 13.81
CA VAL A 334 -9.44 -1.69 13.59
C VAL A 334 -10.47 -2.58 14.27
N GLY A 335 -10.50 -3.87 13.87
CA GLY A 335 -11.30 -4.83 14.61
C GLY A 335 -12.69 -5.01 14.01
N GLY A 336 -12.90 -4.50 12.81
CA GLY A 336 -14.21 -4.66 12.18
C GLY A 336 -15.25 -3.67 12.73
N TYR A 337 -16.49 -3.81 12.23
CA TYR A 337 -17.47 -2.72 12.24
C TYR A 337 -18.73 -3.22 12.92
N LEU A 338 -19.90 -2.75 12.47
CA LEU A 338 -21.15 -3.02 13.18
C LEU A 338 -21.78 -4.32 12.66
N THR A 339 -21.96 -4.42 11.35
CA THR A 339 -22.53 -5.60 10.73
C THR A 339 -21.60 -6.21 9.69
N THR A 340 -20.36 -5.70 9.62
CA THR A 340 -19.37 -6.09 8.62
C THR A 340 -18.05 -6.30 9.34
N GLY A 341 -17.20 -7.17 8.80
CA GLY A 341 -15.97 -7.52 9.48
C GLY A 341 -14.80 -6.67 8.96
N GLY A 342 -13.66 -6.83 9.63
CA GLY A 342 -12.40 -6.25 9.22
C GLY A 342 -11.30 -7.32 9.21
N ARG A 343 -10.07 -6.93 8.83
CA ARG A 343 -8.99 -7.90 8.80
C ARG A 343 -8.37 -8.00 10.19
N SER A 344 -7.31 -8.81 10.31
CA SER A 344 -6.65 -8.97 11.60
C SER A 344 -6.06 -7.65 12.05
N PRO A 345 -6.35 -7.18 13.28
CA PRO A 345 -5.74 -5.96 13.76
C PRO A 345 -4.21 -6.01 13.78
N GLN A 346 -3.63 -7.19 13.97
CA GLN A 346 -2.18 -7.32 14.02
C GLN A 346 -1.58 -6.86 12.69
N ASP A 347 -2.26 -7.14 11.58
CA ASP A 347 -1.82 -6.66 10.28
C ASP A 347 -1.84 -5.14 10.23
N ASP A 348 -2.87 -4.55 10.87
CA ASP A 348 -2.99 -3.11 10.94
C ASP A 348 -1.85 -2.50 11.74
N LEU A 349 -1.53 -3.08 12.89
CA LEU A 349 -0.42 -2.60 13.69
C LEU A 349 0.90 -2.72 12.94
N GLN A 350 1.11 -3.84 12.25
CA GLN A 350 2.32 -4.05 11.46
C GLN A 350 2.44 -3.00 10.37
N MET A 351 1.30 -2.63 9.78
CA MET A 351 1.32 -1.65 8.69
C MET A 351 1.73 -0.27 9.23
N ILE A 352 1.15 0.14 10.37
CA ILE A 352 1.58 1.38 11.04
C ILE A 352 3.11 1.37 11.25
N GLN A 353 3.62 0.27 11.78
CA GLN A 353 5.05 0.20 12.03
C GLN A 353 5.86 0.25 10.73
N ASP A 354 5.34 -0.34 9.66
CA ASP A 354 6.07 -0.44 8.41
C ASP A 354 6.14 0.95 7.75
N LEU A 355 5.19 1.83 8.09
CA LEU A 355 5.18 3.18 7.57
C LEU A 355 6.01 4.15 8.44
N GLU A 356 6.72 3.60 9.43
CA GLU A 356 7.56 4.35 10.36
C GLU A 356 6.70 5.36 11.13
N LEU A 357 5.50 4.94 11.52
CA LEU A 357 4.67 5.74 12.38
C LEU A 357 4.59 5.07 13.75
N THR A 358 4.15 5.82 14.76
CA THR A 358 4.03 5.30 16.10
C THR A 358 2.57 5.29 16.55
N ARG A 359 2.29 4.69 17.72
CA ARG A 359 0.97 4.67 18.30
C ARG A 359 0.85 5.50 19.58
N ASN A 360 -0.26 6.27 19.64
CA ASN A 360 -0.66 7.11 20.78
C ASN A 360 -1.45 8.34 20.25
N GLN B 30 9.07 37.79 4.44
CA GLN B 30 8.09 37.78 3.32
C GLN B 30 8.38 36.70 2.27
N PRO B 31 9.64 36.29 1.97
CA PRO B 31 9.85 35.02 1.26
C PRO B 31 9.19 33.83 1.99
N SER B 32 8.34 33.08 1.27
CA SER B 32 7.78 31.82 1.73
C SER B 32 8.89 30.87 2.21
N GLN B 33 8.62 30.04 3.22
CA GLN B 33 9.52 28.96 3.62
C GLN B 33 9.42 27.78 2.65
N VAL B 34 10.60 27.26 2.25
CA VAL B 34 10.70 26.10 1.38
C VAL B 34 10.80 24.83 2.21
N GLY B 35 10.42 23.71 1.60
CA GLY B 35 10.40 22.44 2.29
C GLY B 35 11.73 21.70 2.10
N THR B 36 11.96 20.68 2.94
CA THR B 36 13.19 19.90 2.91
C THR B 36 13.31 19.08 1.64
N TYR B 37 12.24 18.96 0.85
CA TYR B 37 12.14 18.04 -0.27
C TYR B 37 12.39 18.73 -1.63
N GLU B 38 12.92 19.95 -1.60
CA GLU B 38 13.01 20.77 -2.81
C GLU B 38 14.02 20.18 -3.80
N LYS B 39 15.13 19.66 -3.28
CA LYS B 39 16.17 19.11 -4.11
C LYS B 39 15.60 17.91 -4.89
N ILE B 40 14.70 17.15 -4.25
CA ILE B 40 14.08 16.02 -4.93
C ILE B 40 13.34 16.51 -6.18
N LEU B 41 12.63 17.63 -6.03
CA LEU B 41 11.83 18.16 -7.13
C LEU B 41 12.75 18.66 -8.25
N THR B 42 13.79 19.40 -7.85
CA THR B 42 14.75 20.00 -8.77
C THR B 42 15.38 18.91 -9.63
N ILE B 43 15.90 17.86 -8.97
CA ILE B 43 16.64 16.83 -9.70
C ILE B 43 15.70 16.11 -10.64
N ALA B 44 14.50 15.76 -10.13
CA ALA B 44 13.50 15.11 -10.95
C ALA B 44 13.21 15.93 -12.20
N ASN B 45 13.08 17.26 -12.02
CA ASN B 45 12.79 18.11 -13.17
C ASN B 45 13.93 18.10 -14.16
N ARG B 46 15.17 18.12 -13.67
CA ARG B 46 16.33 18.12 -14.54
C ARG B 46 16.36 16.86 -15.39
N ILE B 47 16.02 15.71 -14.80
CA ILE B 47 16.04 14.44 -15.51
C ILE B 47 14.94 14.45 -16.56
N MET B 48 13.77 14.95 -16.20
CA MET B 48 12.65 14.93 -17.13
C MET B 48 12.86 15.94 -18.25
N ASN B 49 13.84 16.83 -18.08
CA ASN B 49 14.20 17.79 -19.12
C ASN B 49 15.46 17.37 -19.89
N GLY B 50 15.99 16.14 -19.65
CA GLY B 50 17.06 15.58 -20.45
C GLY B 50 18.38 15.43 -19.70
N GLY B 51 18.43 15.84 -18.43
CA GLY B 51 19.65 15.73 -17.66
C GLY B 51 19.79 14.34 -17.02
N GLU B 52 20.74 14.25 -16.10
CA GLU B 52 21.06 13.02 -15.39
C GLU B 52 21.36 13.35 -13.95
N ILE B 53 21.05 12.40 -13.05
CA ILE B 53 21.43 12.52 -11.66
C ILE B 53 22.90 12.14 -11.56
N THR B 54 23.62 12.81 -10.65
CA THR B 54 25.00 12.50 -10.35
C THR B 54 25.02 11.46 -9.24
N LYS B 55 26.16 10.80 -9.05
CA LYS B 55 26.32 9.83 -7.99
C LYS B 55 26.06 10.47 -6.63
N GLU B 56 26.59 11.68 -6.42
CA GLU B 56 26.48 12.33 -5.11
C GLU B 56 25.02 12.62 -4.82
N GLU B 57 24.30 13.07 -5.85
CA GLU B 57 22.87 13.35 -5.74
C GLU B 57 22.09 12.08 -5.39
N ALA B 58 22.34 10.98 -6.10
CA ALA B 58 21.66 9.73 -5.83
C ALA B 58 21.90 9.26 -4.41
N ILE B 59 23.14 9.43 -3.94
CA ILE B 59 23.47 9.10 -2.57
C ILE B 59 22.67 9.97 -1.59
N GLU B 60 22.54 11.27 -1.88
CA GLU B 60 21.70 12.11 -1.03
C GLU B 60 20.25 11.60 -1.06
N LEU B 61 19.73 11.28 -2.24
CA LEU B 61 18.33 10.88 -2.36
C LEU B 61 18.08 9.53 -1.68
N ILE B 62 19.06 8.62 -1.64
CA ILE B 62 18.80 7.34 -1.00
C ILE B 62 18.79 7.52 0.51
N HIS B 63 19.28 8.66 1.01
CA HIS B 63 19.19 9.00 2.42
C HIS B 63 18.00 9.91 2.72
N THR B 64 17.04 10.01 1.79
CA THR B 64 15.82 10.78 2.04
C THR B 64 15.17 10.37 3.35
N SER B 65 14.59 11.35 4.06
CA SER B 65 13.90 11.07 5.31
C SER B 65 12.63 10.26 5.08
N ASP B 66 12.16 9.59 6.14
CA ASP B 66 10.82 8.99 6.17
C ASP B 66 9.78 10.04 5.78
N ASP B 67 9.90 11.23 6.36
CA ASP B 67 8.92 12.30 6.17
C ASP B 67 8.89 12.76 4.71
N ASP B 68 10.01 12.67 3.97
CA ASP B 68 10.02 13.13 2.58
C ASP B 68 9.89 11.98 1.57
N THR B 69 9.68 10.74 2.06
CA THR B 69 9.77 9.57 1.20
C THR B 69 8.69 9.62 0.13
N MET B 70 7.51 10.14 0.45
CA MET B 70 6.41 10.08 -0.50
C MET B 70 6.67 11.03 -1.66
N ILE B 71 7.47 12.09 -1.45
CA ILE B 71 7.81 13.02 -2.52
C ILE B 71 8.80 12.32 -3.45
N LEU B 72 9.74 11.59 -2.85
CA LEU B 72 10.72 10.85 -3.63
C LEU B 72 10.00 9.79 -4.49
N LEU B 73 9.07 9.06 -3.87
CA LEU B 73 8.33 8.03 -4.59
C LEU B 73 7.50 8.67 -5.69
N ALA B 74 6.86 9.78 -5.36
CA ALA B 74 6.03 10.49 -6.32
C ALA B 74 6.86 10.92 -7.54
N MET B 75 8.06 11.45 -7.29
CA MET B 75 8.88 11.99 -8.37
C MET B 75 9.46 10.85 -9.19
N ALA B 76 9.66 9.69 -8.56
CA ALA B 76 10.09 8.52 -9.32
C ALA B 76 8.98 8.07 -10.26
N ASP B 77 7.73 8.16 -9.80
CA ASP B 77 6.59 7.78 -10.61
C ASP B 77 6.44 8.72 -11.80
N LYS B 78 6.70 10.01 -11.57
CA LYS B 78 6.68 11.00 -12.64
C LYS B 78 7.77 10.74 -13.68
N ILE B 79 8.99 10.41 -13.23
CA ILE B 79 10.06 10.04 -14.15
C ILE B 79 9.64 8.81 -14.96
N ARG B 80 9.14 7.78 -14.28
CA ARG B 80 8.64 6.57 -14.93
C ARG B 80 7.65 6.94 -16.02
N GLN B 81 6.68 7.80 -15.71
CA GLN B 81 5.63 8.20 -16.65
C GLN B 81 6.23 8.96 -17.83
N HIS B 82 7.20 9.82 -17.57
CA HIS B 82 7.76 10.67 -18.61
C HIS B 82 8.47 9.86 -19.71
N PHE B 83 9.09 8.74 -19.34
CA PHE B 83 9.94 7.98 -20.25
C PHE B 83 9.36 6.61 -20.59
N ASN B 84 8.22 6.25 -20.00
CA ASN B 84 7.62 4.96 -20.27
C ASN B 84 6.10 5.11 -20.20
N ASP B 85 5.37 4.09 -20.61
CA ASP B 85 3.92 4.15 -20.54
C ASP B 85 3.47 3.77 -19.12
N ASN B 86 2.17 3.52 -18.98
CA ASN B 86 1.55 3.21 -17.70
C ASN B 86 1.24 1.72 -17.58
N SER B 87 2.04 0.90 -18.28
CA SER B 87 1.88 -0.53 -18.29
C SER B 87 2.81 -1.15 -17.26
N VAL B 88 2.39 -2.30 -16.76
CA VAL B 88 3.18 -3.09 -15.82
C VAL B 88 3.45 -4.43 -16.50
N ASP B 89 4.74 -4.74 -16.62
CA ASP B 89 5.18 -5.97 -17.26
C ASP B 89 5.23 -7.11 -16.23
N VAL B 90 4.45 -8.16 -16.46
CA VAL B 90 4.30 -9.25 -15.50
C VAL B 90 5.07 -10.47 -15.99
N CYS B 91 5.99 -10.98 -15.16
CA CYS B 91 6.75 -12.18 -15.46
C CYS B 91 6.54 -13.24 -14.39
N ALA B 92 6.98 -14.46 -14.69
CA ALA B 92 6.88 -15.57 -13.77
C ALA B 92 7.98 -16.56 -14.15
N ILE B 93 8.35 -17.43 -13.20
CA ILE B 93 9.49 -18.32 -13.38
C ILE B 93 9.11 -19.74 -12.98
N VAL B 94 9.98 -20.68 -13.36
CA VAL B 94 9.86 -22.04 -12.86
C VAL B 94 11.25 -22.49 -12.47
N ASN B 95 11.34 -23.14 -11.30
CA ASN B 95 12.56 -23.75 -10.84
C ASN B 95 12.70 -25.12 -11.53
N ALA B 96 13.26 -25.13 -12.74
CA ALA B 96 13.20 -26.34 -13.56
C ALA B 96 14.24 -27.38 -13.14
N ARG B 97 15.20 -27.02 -12.26
CA ARG B 97 16.17 -27.96 -11.73
C ARG B 97 16.72 -27.41 -10.42
N SER B 98 16.57 -28.19 -9.35
CA SER B 98 16.60 -27.61 -8.02
C SER B 98 17.69 -28.24 -7.16
N GLY B 99 18.42 -27.38 -6.43
CA GLY B 99 19.36 -27.78 -5.40
C GLY B 99 20.66 -28.34 -5.98
N LYS B 100 21.57 -28.71 -5.06
CA LYS B 100 22.82 -29.40 -5.33
C LYS B 100 23.75 -28.50 -6.15
N CYS B 101 24.02 -27.28 -5.66
CA CYS B 101 24.85 -26.37 -6.44
C CYS B 101 26.23 -26.26 -5.81
N PRO B 102 27.30 -26.46 -6.59
CA PRO B 102 28.67 -26.33 -6.10
C PRO B 102 29.08 -24.93 -5.66
N GLU B 103 28.34 -23.91 -6.14
CA GLU B 103 28.64 -22.52 -5.79
C GLU B 103 28.23 -22.26 -4.35
N ASN B 104 28.94 -21.33 -3.68
CA ASN B 104 28.69 -21.03 -2.27
C ASN B 104 28.09 -19.62 -2.08
N CYS B 105 27.15 -19.20 -2.94
CA CYS B 105 26.57 -17.88 -2.78
C CYS B 105 25.85 -17.85 -1.42
N LYS B 106 26.27 -16.96 -0.52
CA LYS B 106 25.89 -16.96 0.89
C LYS B 106 24.39 -16.76 1.19
N PHE B 107 23.60 -16.41 0.18
CA PHE B 107 22.19 -16.15 0.35
C PHE B 107 21.32 -17.28 -0.21
N CYS B 108 21.93 -18.24 -0.93
CA CYS B 108 21.17 -19.17 -1.76
C CYS B 108 20.83 -20.47 -1.04
N ALA B 109 19.55 -20.82 -1.06
CA ALA B 109 19.04 -22.05 -0.47
C ALA B 109 19.61 -23.28 -1.20
N GLN B 110 20.07 -23.09 -2.45
CA GLN B 110 20.29 -24.20 -3.38
C GLN B 110 21.77 -24.55 -3.43
N SER B 111 22.59 -23.89 -2.61
CA SER B 111 24.00 -24.24 -2.52
C SER B 111 24.20 -25.51 -1.70
N ALA B 112 25.20 -26.30 -2.12
CA ALA B 112 25.59 -27.52 -1.43
C ALA B 112 26.40 -27.22 -0.17
N HIS B 113 26.97 -26.01 -0.06
CA HIS B 113 27.79 -25.69 1.10
C HIS B 113 26.96 -25.39 2.35
N HIS B 114 25.63 -25.53 2.25
CA HIS B 114 24.71 -25.11 3.30
C HIS B 114 23.54 -26.09 3.37
N ASN B 115 23.18 -26.54 4.58
CA ASN B 115 22.06 -27.46 4.76
C ASN B 115 20.77 -26.67 5.03
N THR B 116 19.89 -26.66 4.03
CA THR B 116 18.73 -25.80 4.05
C THR B 116 17.46 -26.64 3.90
N GLY B 117 17.61 -27.94 3.67
CA GLY B 117 16.46 -28.81 3.52
C GLY B 117 15.68 -28.53 2.26
N VAL B 118 16.37 -27.98 1.25
CA VAL B 118 15.74 -27.62 -0.01
C VAL B 118 15.41 -28.89 -0.81
N GLN B 119 14.30 -28.84 -1.56
CA GLN B 119 13.98 -29.84 -2.57
C GLN B 119 15.12 -29.94 -3.56
N GLU B 120 15.45 -31.18 -3.94
CA GLU B 120 16.44 -31.44 -4.96
C GLU B 120 15.77 -32.27 -6.05
N TYR B 121 16.09 -31.98 -7.32
CA TYR B 121 15.55 -32.76 -8.42
C TYR B 121 16.28 -32.38 -9.70
N PRO B 122 16.28 -33.28 -10.71
CA PRO B 122 16.82 -32.97 -12.03
C PRO B 122 15.84 -32.21 -12.90
N PHE B 123 16.35 -31.73 -14.03
CA PHE B 123 15.55 -31.04 -15.02
C PHE B 123 14.18 -31.69 -15.13
N MET B 124 13.13 -30.91 -14.87
CA MET B 124 11.76 -31.35 -15.04
C MET B 124 11.53 -31.85 -16.47
N ASP B 125 10.58 -32.77 -16.64
CA ASP B 125 10.20 -33.25 -17.95
C ASP B 125 9.46 -32.12 -18.68
N GLU B 126 9.51 -32.15 -20.02
CA GLU B 126 9.03 -31.01 -20.79
C GLU B 126 7.53 -30.80 -20.58
N GLU B 127 6.75 -31.88 -20.41
CA GLU B 127 5.32 -31.68 -20.28
C GLU B 127 5.02 -30.97 -18.95
N SER B 128 5.84 -31.25 -17.93
CA SER B 128 5.68 -30.64 -16.64
C SER B 128 5.99 -29.14 -16.72
N ILE B 129 7.03 -28.80 -17.50
CA ILE B 129 7.44 -27.41 -17.69
C ILE B 129 6.36 -26.66 -18.45
N LEU B 130 5.78 -27.30 -19.47
CA LEU B 130 4.74 -26.64 -20.26
C LEU B 130 3.50 -26.38 -19.41
N GLN B 131 3.21 -27.27 -18.46
CA GLN B 131 2.09 -27.09 -17.54
C GLN B 131 2.28 -25.79 -16.73
N ALA B 132 3.47 -25.62 -16.18
CA ALA B 132 3.84 -24.46 -15.39
C ALA B 132 3.79 -23.21 -16.27
N ALA B 133 4.23 -23.35 -17.53
CA ALA B 133 4.14 -22.26 -18.47
C ALA B 133 2.69 -21.85 -18.63
N ARG B 134 1.82 -22.84 -18.82
CA ARG B 134 0.40 -22.57 -19.06
C ARG B 134 -0.23 -21.91 -17.83
N LYS B 135 0.20 -22.31 -16.64
CA LYS B 135 -0.33 -21.75 -15.40
C LYS B 135 0.10 -20.28 -15.27
N ALA B 136 1.38 -20.01 -15.60
CA ALA B 136 1.91 -18.66 -15.58
C ALA B 136 1.12 -17.74 -16.50
N LYS B 137 0.73 -18.25 -17.68
CA LYS B 137 -0.05 -17.46 -18.63
C LYS B 137 -1.48 -17.22 -18.15
N GLU B 138 -2.10 -18.24 -17.54
CA GLU B 138 -3.42 -18.06 -16.95
C GLU B 138 -3.34 -17.03 -15.84
N ALA B 139 -2.20 -16.99 -15.12
CA ALA B 139 -1.96 -16.10 -14.00
C ALA B 139 -1.74 -14.65 -14.43
N GLY B 140 -1.41 -14.43 -15.70
CA GLY B 140 -1.29 -13.10 -16.27
C GLY B 140 0.14 -12.74 -16.66
N ALA B 141 1.10 -13.67 -16.55
CA ALA B 141 2.44 -13.40 -17.03
C ALA B 141 2.44 -13.38 -18.56
N ILE B 142 3.23 -12.46 -19.13
CA ILE B 142 3.38 -12.39 -20.57
C ILE B 142 4.75 -12.93 -20.98
N ARG B 143 5.63 -13.15 -20.01
CA ARG B 143 6.93 -13.76 -20.26
C ARG B 143 7.24 -14.71 -19.11
N PHE B 144 8.09 -15.71 -19.36
CA PHE B 144 8.24 -16.86 -18.49
C PHE B 144 9.67 -17.39 -18.60
N SER B 145 10.28 -17.60 -17.44
CA SER B 145 11.68 -17.97 -17.38
C SER B 145 11.84 -19.41 -16.90
N ILE B 146 12.70 -20.14 -17.62
CA ILE B 146 13.26 -21.39 -17.16
C ILE B 146 14.49 -21.06 -16.37
N VAL B 147 14.48 -21.46 -15.10
CA VAL B 147 15.57 -21.23 -14.18
C VAL B 147 16.12 -22.56 -13.72
N THR B 148 17.45 -22.65 -13.59
CA THR B 148 18.08 -23.86 -13.08
C THR B 148 19.05 -23.46 -11.98
N SER B 149 19.22 -24.30 -10.95
CA SER B 149 20.35 -24.16 -10.04
C SER B 149 21.63 -24.65 -10.71
N GLY B 150 22.77 -24.36 -10.06
CA GLY B 150 24.06 -24.77 -10.59
C GLY B 150 24.73 -23.63 -11.36
N ARG B 151 26.07 -23.62 -11.24
CA ARG B 151 26.98 -22.69 -11.91
C ARG B 151 26.54 -22.37 -13.34
N ASN B 152 26.36 -23.44 -14.13
CA ASN B 152 26.02 -23.34 -15.54
C ASN B 152 25.26 -24.61 -15.90
N THR B 153 24.99 -24.77 -17.21
CA THR B 153 24.49 -26.01 -17.77
C THR B 153 25.62 -26.61 -18.60
N ASN B 154 26.46 -27.45 -17.98
CA ASN B 154 27.71 -27.87 -18.60
C ASN B 154 27.52 -29.10 -19.49
N ASN B 155 26.56 -29.96 -19.14
CA ASN B 155 26.20 -31.09 -19.99
C ASN B 155 25.45 -30.61 -21.23
N PRO B 156 25.94 -30.87 -22.46
CA PRO B 156 25.27 -30.38 -23.67
C PRO B 156 23.92 -31.02 -24.00
N ASP B 157 23.58 -32.12 -23.32
CA ASP B 157 22.28 -32.77 -23.48
C ASP B 157 21.21 -32.01 -22.70
N GLU B 158 21.49 -31.63 -21.46
CA GLU B 158 20.55 -30.82 -20.72
C GLU B 158 20.28 -29.54 -21.52
N PHE B 159 21.35 -28.93 -22.06
CA PHE B 159 21.23 -27.65 -22.74
C PHE B 159 20.24 -27.79 -23.88
N ASP B 160 20.41 -28.90 -24.62
CA ASP B 160 19.59 -29.23 -25.76
C ASP B 160 18.13 -29.41 -25.34
N GLN B 161 17.89 -30.06 -24.19
CA GLN B 161 16.54 -30.21 -23.68
C GLN B 161 15.94 -28.83 -23.39
N ILE B 162 16.76 -27.94 -22.80
CA ILE B 162 16.30 -26.58 -22.49
C ILE B 162 15.87 -25.87 -23.77
N ILE B 163 16.75 -25.90 -24.78
CA ILE B 163 16.43 -25.28 -26.05
C ILE B 163 15.11 -25.84 -26.58
N HIS B 164 14.94 -27.17 -26.53
CA HIS B 164 13.76 -27.83 -27.06
C HIS B 164 12.50 -27.27 -26.38
N VAL B 165 12.52 -27.22 -25.05
CA VAL B 165 11.30 -26.84 -24.33
C VAL B 165 11.08 -25.33 -24.39
N LEU B 166 12.16 -24.54 -24.44
CA LEU B 166 12.00 -23.10 -24.64
C LEU B 166 11.24 -22.87 -25.94
N GLY B 167 11.57 -23.61 -27.00
CA GLY B 167 10.85 -23.50 -28.27
C GLY B 167 9.37 -23.84 -28.17
N ARG B 168 9.05 -24.90 -27.43
CA ARG B 168 7.67 -25.32 -27.28
C ARG B 168 6.85 -24.25 -26.54
N ILE B 169 7.44 -23.67 -25.50
CA ILE B 169 6.79 -22.64 -24.71
C ILE B 169 6.36 -21.51 -25.66
N LYS B 170 7.34 -20.95 -26.38
CA LYS B 170 7.11 -19.81 -27.25
C LYS B 170 6.10 -20.13 -28.36
N ASN B 171 6.19 -21.31 -28.98
CA ASN B 171 5.41 -21.54 -30.19
C ASN B 171 4.01 -22.06 -29.88
N GLU B 172 3.87 -22.82 -28.78
CA GLU B 172 2.61 -23.49 -28.45
C GLU B 172 1.81 -22.75 -27.37
N ILE B 173 2.52 -22.11 -26.42
CA ILE B 173 1.84 -21.41 -25.33
C ILE B 173 1.70 -19.93 -25.64
N GLY B 174 2.62 -19.37 -26.44
CA GLY B 174 2.51 -17.98 -26.86
C GLY B 174 3.02 -16.99 -25.81
N LEU B 175 3.94 -17.42 -24.94
CA LEU B 175 4.63 -16.53 -24.02
C LEU B 175 5.97 -16.13 -24.62
N GLU B 176 6.39 -14.89 -24.37
CA GLU B 176 7.79 -14.55 -24.53
C GLU B 176 8.56 -15.41 -23.56
N ILE B 177 9.79 -15.75 -23.91
CA ILE B 177 10.60 -16.67 -23.12
C ILE B 177 11.87 -16.00 -22.64
N CYS B 178 12.15 -16.27 -21.35
CA CYS B 178 13.32 -15.85 -20.62
C CYS B 178 14.04 -17.11 -20.16
N CYS B 179 15.30 -16.99 -19.74
CA CYS B 179 15.91 -18.02 -18.92
C CYS B 179 17.05 -17.48 -18.08
N SER B 180 17.30 -18.21 -16.99
CA SER B 180 18.33 -17.95 -16.01
C SER B 180 19.10 -19.25 -15.79
N LEU B 181 20.22 -19.39 -16.52
CA LEU B 181 20.95 -20.65 -16.61
C LEU B 181 22.32 -20.54 -15.98
N GLY B 182 22.61 -19.41 -15.35
CA GLY B 182 23.90 -19.20 -14.73
C GLY B 182 24.92 -18.77 -15.78
N LEU B 183 26.17 -19.23 -15.61
CA LEU B 183 27.24 -18.78 -16.48
C LEU B 183 27.00 -19.29 -17.90
N LEU B 184 27.31 -18.42 -18.87
CA LEU B 184 26.84 -18.59 -20.23
C LEU B 184 27.98 -18.30 -21.19
N THR B 185 28.21 -19.25 -22.11
CA THR B 185 29.21 -19.12 -23.14
C THR B 185 28.59 -18.41 -24.34
N TYR B 186 29.45 -17.90 -25.24
CA TYR B 186 28.96 -17.26 -26.45
C TYR B 186 28.16 -18.23 -27.33
N GLU B 187 28.65 -19.47 -27.48
CA GLU B 187 28.00 -20.46 -28.33
C GLU B 187 26.60 -20.78 -27.80
N GLN B 188 26.46 -20.92 -26.49
CA GLN B 188 25.14 -21.10 -25.88
C GLN B 188 24.20 -19.93 -26.18
N ALA B 189 24.74 -18.70 -26.16
CA ALA B 189 23.91 -17.51 -26.28
C ALA B 189 23.34 -17.40 -27.69
N LEU B 190 24.16 -17.79 -28.69
CA LEU B 190 23.69 -17.88 -30.06
C LEU B 190 22.47 -18.82 -30.14
N LYS B 191 22.56 -19.97 -29.49
CA LYS B 191 21.50 -20.96 -29.55
C LYS B 191 20.22 -20.44 -28.90
N LEU B 192 20.38 -19.75 -27.75
CA LEU B 192 19.29 -19.10 -27.04
C LEU B 192 18.63 -18.05 -27.94
N LYS B 193 19.47 -17.22 -28.58
CA LYS B 193 18.98 -16.21 -29.51
C LYS B 193 18.21 -16.89 -30.63
N GLU B 194 18.81 -17.90 -31.27
CA GLU B 194 18.17 -18.61 -32.37
C GLU B 194 16.77 -19.15 -31.99
N VAL B 195 16.62 -19.68 -30.77
CA VAL B 195 15.35 -20.33 -30.44
C VAL B 195 14.28 -19.32 -30.03
N GLY B 196 14.70 -18.10 -29.66
CA GLY B 196 13.77 -16.99 -29.61
C GLY B 196 13.65 -16.35 -28.23
N VAL B 197 14.64 -16.62 -27.38
CA VAL B 197 14.74 -16.01 -26.08
C VAL B 197 14.84 -14.49 -26.25
N THR B 198 14.06 -13.74 -25.44
CA THR B 198 14.10 -12.29 -25.51
C THR B 198 14.64 -11.66 -24.22
N ARG B 199 14.82 -12.41 -23.14
CA ARG B 199 15.58 -11.91 -22.00
C ARG B 199 16.47 -13.03 -21.49
N TYR B 200 17.74 -12.70 -21.23
CA TYR B 200 18.66 -13.60 -20.57
C TYR B 200 18.98 -12.99 -19.22
N HIS B 201 18.66 -13.75 -18.17
CA HIS B 201 18.77 -13.28 -16.80
C HIS B 201 20.12 -13.65 -16.23
N SER B 202 20.80 -12.64 -15.70
CA SER B 202 22.02 -12.83 -14.94
C SER B 202 22.23 -11.65 -14.00
N ASN B 203 22.05 -11.89 -12.70
CA ASN B 203 22.08 -10.82 -11.71
C ASN B 203 23.52 -10.54 -11.32
N ILE B 204 23.85 -9.26 -11.18
CA ILE B 204 25.14 -8.86 -10.62
C ILE B 204 25.10 -9.01 -9.10
N GLU B 205 23.89 -9.15 -8.54
CA GLU B 205 23.66 -9.48 -7.13
C GLU B 205 23.86 -8.26 -6.25
N THR B 206 25.05 -7.64 -6.30
CA THR B 206 25.33 -6.50 -5.46
C THR B 206 26.27 -5.55 -6.21
N ALA B 207 26.79 -4.56 -5.50
CA ALA B 207 27.79 -3.68 -6.09
C ALA B 207 29.08 -4.47 -6.28
N PRO B 208 29.87 -4.18 -7.34
CA PRO B 208 31.17 -4.81 -7.53
C PRO B 208 31.99 -4.89 -6.25
N SER B 209 31.94 -3.84 -5.42
CA SER B 209 32.76 -3.79 -4.23
C SER B 209 32.26 -4.73 -3.14
N HIS B 210 31.05 -5.29 -3.29
CA HIS B 210 30.51 -6.15 -2.24
C HIS B 210 30.48 -7.61 -2.70
N PHE B 211 30.72 -7.89 -3.99
CA PHE B 211 30.50 -9.23 -4.52
C PHE B 211 31.40 -10.27 -3.88
N PRO B 212 32.66 -9.94 -3.52
CA PRO B 212 33.54 -10.88 -2.80
C PRO B 212 32.99 -11.35 -1.46
N ASP B 213 32.20 -10.50 -0.80
CA ASP B 213 31.67 -10.78 0.53
C ASP B 213 30.46 -11.71 0.46
N ILE B 214 30.00 -12.08 -0.75
CA ILE B 214 28.77 -12.86 -0.92
C ILE B 214 29.00 -14.16 -1.70
N CYS B 215 30.02 -14.23 -2.57
CA CYS B 215 30.34 -15.43 -3.32
C CYS B 215 31.84 -15.45 -3.67
N THR B 216 32.46 -16.65 -3.59
CA THR B 216 33.87 -16.83 -3.93
C THR B 216 34.09 -17.97 -4.93
N THR B 217 33.10 -18.85 -5.15
CA THR B 217 33.26 -19.95 -6.08
C THR B 217 33.14 -19.51 -7.53
N HIS B 218 32.50 -18.37 -7.77
CA HIS B 218 32.68 -17.63 -9.02
C HIS B 218 32.91 -16.17 -8.66
N SER B 219 33.30 -15.38 -9.66
CA SER B 219 33.70 -14.01 -9.48
C SER B 219 32.68 -13.06 -10.12
N TYR B 220 32.86 -11.78 -9.81
CA TYR B 220 32.19 -10.70 -10.53
C TYR B 220 32.51 -10.79 -12.02
N GLU B 221 33.77 -11.06 -12.36
CA GLU B 221 34.22 -11.09 -13.75
C GLU B 221 33.42 -12.13 -14.53
N ASP B 222 33.10 -13.26 -13.88
CA ASP B 222 32.33 -14.31 -14.52
C ASP B 222 30.95 -13.81 -14.92
N LYS B 223 30.37 -12.95 -14.08
CA LYS B 223 29.09 -12.30 -14.39
C LYS B 223 29.24 -11.37 -15.59
N MET B 224 30.35 -10.61 -15.66
CA MET B 224 30.56 -9.71 -16.79
C MET B 224 30.62 -10.50 -18.10
N PHE B 225 31.41 -11.58 -18.10
CA PHE B 225 31.55 -12.45 -19.25
C PHE B 225 30.19 -12.92 -19.72
N THR B 226 29.40 -13.45 -18.79
CA THR B 226 28.05 -13.96 -19.08
C THR B 226 27.20 -12.86 -19.70
N ILE B 227 27.22 -11.68 -19.08
CA ILE B 227 26.36 -10.58 -19.52
C ILE B 227 26.81 -10.13 -20.91
N ASP B 228 28.12 -9.98 -21.07
CA ASP B 228 28.69 -9.61 -22.36
C ASP B 228 28.31 -10.62 -23.44
N ASN B 229 28.40 -11.92 -23.11
CA ASN B 229 28.12 -12.95 -24.10
C ASN B 229 26.67 -12.87 -24.55
N ALA B 230 25.73 -12.64 -23.62
CA ALA B 230 24.33 -12.54 -23.98
C ALA B 230 24.07 -11.34 -24.87
N GLN B 231 24.66 -10.19 -24.50
CA GLN B 231 24.47 -8.94 -25.23
C GLN B 231 24.99 -9.06 -26.67
N LYS B 232 26.17 -9.68 -26.82
CA LYS B 232 26.83 -9.85 -28.10
C LYS B 232 26.06 -10.80 -29.00
N ALA B 233 25.23 -11.69 -28.43
CA ALA B 233 24.37 -12.55 -29.23
C ALA B 233 23.08 -11.86 -29.62
N GLY B 234 22.85 -10.64 -29.09
CA GLY B 234 21.72 -9.81 -29.47
C GLY B 234 20.52 -10.01 -28.53
N ILE B 235 20.78 -10.48 -27.31
CA ILE B 235 19.73 -10.75 -26.33
C ILE B 235 19.75 -9.63 -25.30
N ARG B 236 18.56 -9.07 -25.06
CA ARG B 236 18.39 -8.11 -23.97
C ARG B 236 18.64 -8.83 -22.66
N VAL B 237 19.54 -8.28 -21.85
CA VAL B 237 19.88 -8.92 -20.59
C VAL B 237 19.01 -8.35 -19.47
N CYS B 238 18.48 -9.23 -18.63
CA CYS B 238 17.82 -8.89 -17.38
C CYS B 238 18.80 -9.10 -16.23
N SER B 239 19.23 -8.00 -15.60
CA SER B 239 20.23 -8.09 -14.55
C SER B 239 19.91 -7.13 -13.42
N GLY B 240 19.93 -7.66 -12.21
CA GLY B 240 19.75 -6.86 -11.02
C GLY B 240 20.47 -7.50 -9.85
N GLY B 241 19.76 -7.69 -8.75
CA GLY B 241 20.39 -8.24 -7.56
C GLY B 241 19.43 -8.25 -6.39
N ILE B 242 20.02 -8.28 -5.19
CA ILE B 242 19.33 -8.47 -3.92
C ILE B 242 19.70 -7.35 -2.98
N LEU B 243 18.68 -6.60 -2.52
CA LEU B 243 18.84 -5.69 -1.40
C LEU B 243 18.80 -6.52 -0.12
N GLY B 244 19.65 -6.18 0.86
CA GLY B 244 19.65 -6.85 2.16
C GLY B 244 20.80 -7.85 2.37
N LEU B 245 21.90 -7.69 1.63
CA LEU B 245 23.08 -8.56 1.73
C LEU B 245 24.19 -7.88 2.55
N ASN B 246 23.82 -6.86 3.34
CA ASN B 246 24.74 -6.09 4.16
C ASN B 246 25.49 -5.04 3.33
N GLU B 247 25.05 -4.77 2.10
CA GLU B 247 25.58 -3.66 1.32
C GLU B 247 25.21 -2.36 2.03
N THR B 248 26.05 -1.31 1.86
CA THR B 248 25.73 0.01 2.38
C THR B 248 24.76 0.68 1.40
N LEU B 249 24.10 1.78 1.81
CA LEU B 249 23.25 2.52 0.87
C LEU B 249 24.08 3.00 -0.33
N GLU B 250 25.34 3.40 -0.06
CA GLU B 250 26.21 3.94 -1.11
C GLU B 250 26.43 2.87 -2.18
N GLN B 251 26.58 1.62 -1.74
CA GLN B 251 26.81 0.49 -2.64
C GLN B 251 25.57 0.13 -3.45
N ARG B 252 24.38 0.33 -2.89
CA ARG B 252 23.18 0.21 -3.72
C ARG B 252 23.25 1.23 -4.86
N VAL B 253 23.71 2.44 -4.60
CA VAL B 253 23.84 3.42 -5.68
C VAL B 253 24.88 2.93 -6.68
N GLU B 254 26.01 2.42 -6.17
CA GLU B 254 27.08 1.90 -7.03
C GLU B 254 26.55 0.80 -7.94
N MET B 255 25.65 -0.03 -7.40
CA MET B 255 25.05 -1.12 -8.17
C MET B 255 24.19 -0.56 -9.29
N ALA B 256 23.40 0.48 -9.01
CA ALA B 256 22.56 1.07 -10.06
C ALA B 256 23.42 1.64 -11.19
N PHE B 257 24.48 2.36 -10.84
CA PHE B 257 25.29 3.01 -11.86
C PHE B 257 26.07 1.97 -12.65
N GLU B 258 26.41 0.85 -11.98
CA GLU B 258 27.04 -0.28 -12.64
C GLU B 258 26.11 -0.87 -13.68
N LEU B 259 24.81 -0.92 -13.37
CA LEU B 259 23.85 -1.41 -14.33
C LEU B 259 23.76 -0.44 -15.48
N LYS B 260 23.85 0.87 -15.16
CA LYS B 260 23.87 1.89 -16.19
C LYS B 260 25.09 1.70 -17.11
N ARG B 261 26.24 1.46 -16.51
CA ARG B 261 27.48 1.21 -17.25
C ARG B 261 27.29 0.05 -18.24
N LEU B 262 26.67 -1.04 -17.78
CA LEU B 262 26.50 -2.25 -18.57
C LEU B 262 25.37 -2.16 -19.59
N HIS B 263 24.68 -1.00 -19.67
CA HIS B 263 23.62 -0.76 -20.63
C HIS B 263 22.44 -1.71 -20.40
N ILE B 264 22.19 -2.00 -19.12
CA ILE B 264 21.04 -2.82 -18.73
C ILE B 264 19.80 -1.95 -18.60
N ASP B 265 18.71 -2.40 -19.24
CA ASP B 265 17.42 -1.73 -19.23
C ASP B 265 16.32 -2.67 -18.75
N SER B 266 16.67 -3.73 -18.04
CA SER B 266 15.70 -4.69 -17.51
C SER B 266 16.25 -5.17 -16.18
N VAL B 267 15.63 -4.72 -15.09
CA VAL B 267 16.30 -4.81 -13.81
C VAL B 267 15.36 -5.41 -12.76
N PRO B 268 15.59 -6.65 -12.29
CA PRO B 268 14.79 -7.21 -11.22
C PRO B 268 15.47 -6.97 -9.89
N LEU B 269 14.76 -6.31 -8.97
CA LEU B 269 15.26 -6.07 -7.63
C LEU B 269 14.65 -7.04 -6.62
N ASN B 270 15.46 -8.00 -6.19
CA ASN B 270 15.07 -8.93 -5.14
C ASN B 270 15.32 -8.28 -3.79
N ILE B 271 14.58 -8.73 -2.77
CA ILE B 271 14.89 -8.38 -1.39
C ILE B 271 15.17 -9.69 -0.66
N LEU B 272 16.24 -9.73 0.14
CA LEU B 272 16.70 -11.02 0.64
C LEU B 272 15.60 -11.70 1.45
N ASN B 273 15.35 -12.97 1.12
CA ASN B 273 14.56 -13.84 1.97
C ASN B 273 15.56 -14.74 2.69
N PRO B 274 15.90 -14.45 3.98
CA PRO B 274 17.01 -15.14 4.63
C PRO B 274 16.64 -16.61 4.79
N VAL B 275 17.59 -17.47 4.41
CA VAL B 275 17.34 -18.90 4.39
C VAL B 275 18.09 -19.56 5.54
N LYS B 276 17.32 -20.24 6.40
CA LYS B 276 17.86 -21.04 7.49
C LYS B 276 18.91 -21.97 6.90
N GLY B 277 20.11 -21.92 7.46
CA GLY B 277 21.19 -22.81 7.05
C GLY B 277 22.25 -22.07 6.26
N THR B 278 21.84 -21.00 5.56
CA THR B 278 22.78 -20.19 4.84
C THR B 278 23.44 -19.22 5.83
N PRO B 279 24.62 -18.66 5.52
CA PRO B 279 25.24 -17.64 6.35
C PRO B 279 24.48 -16.31 6.50
N PHE B 280 23.63 -15.97 5.52
CA PHE B 280 22.85 -14.75 5.59
C PHE B 280 21.50 -14.97 6.28
N GLU B 281 21.33 -16.16 6.86
CA GLU B 281 20.24 -16.51 7.75
C GLU B 281 19.86 -15.38 8.70
N SER B 282 20.85 -14.73 9.30
CA SER B 282 20.59 -13.78 10.39
C SER B 282 20.62 -12.34 9.89
N ASN B 283 20.68 -12.12 8.58
CA ASN B 283 20.74 -10.76 8.06
C ASN B 283 19.52 -9.98 8.54
N GLU B 284 19.75 -8.77 9.03
CA GLU B 284 18.71 -7.89 9.53
C GLU B 284 17.77 -7.55 8.38
N ALA B 285 16.46 -7.60 8.63
CA ALA B 285 15.47 -7.14 7.67
C ALA B 285 15.64 -5.66 7.40
N LEU B 286 15.41 -5.23 6.15
CA LEU B 286 15.40 -3.82 5.80
C LEU B 286 14.05 -3.23 6.19
N ARG B 287 14.02 -1.93 6.46
CA ARG B 287 12.76 -1.25 6.69
C ARG B 287 12.03 -1.08 5.37
N PRO B 288 10.73 -1.40 5.26
CA PRO B 288 10.01 -1.22 4.00
C PRO B 288 10.27 0.12 3.29
N LEU B 289 10.32 1.25 4.03
CA LEU B 289 10.55 2.55 3.36
C LEU B 289 11.98 2.66 2.82
N ASP B 290 12.95 1.99 3.44
CA ASP B 290 14.30 1.92 2.89
C ASP B 290 14.30 1.21 1.53
N ILE B 291 13.58 0.09 1.43
CA ILE B 291 13.42 -0.61 0.17
C ILE B 291 12.79 0.30 -0.87
N LEU B 292 11.68 0.95 -0.50
CA LEU B 292 10.94 1.75 -1.47
C LEU B 292 11.76 2.95 -1.95
N ARG B 293 12.49 3.59 -1.04
CA ARG B 293 13.41 4.66 -1.41
C ARG B 293 14.44 4.15 -2.41
N THR B 294 14.92 2.92 -2.20
CA THR B 294 15.94 2.36 -3.08
C THR B 294 15.39 2.18 -4.49
N PHE B 295 14.16 1.63 -4.59
CA PHE B 295 13.48 1.49 -5.87
C PHE B 295 13.38 2.84 -6.59
N ALA B 296 12.98 3.88 -5.85
CA ALA B 296 12.78 5.18 -6.46
C ALA B 296 14.11 5.70 -7.01
N VAL B 297 15.19 5.53 -6.25
CA VAL B 297 16.49 6.06 -6.67
C VAL B 297 17.00 5.30 -7.89
N PHE B 298 16.70 3.99 -8.00
CA PHE B 298 17.05 3.26 -9.21
C PHE B 298 16.34 3.86 -10.41
N ARG B 299 15.08 4.26 -10.25
CA ARG B 299 14.36 4.90 -11.34
C ARG B 299 15.06 6.22 -11.72
N PHE B 300 15.50 7.01 -10.72
CA PHE B 300 16.16 8.27 -11.06
C PHE B 300 17.41 8.01 -11.88
N ILE B 301 18.15 6.97 -11.49
CA ILE B 301 19.40 6.62 -12.14
C ILE B 301 19.15 5.97 -13.51
N LEU B 302 18.05 5.21 -13.66
CA LEU B 302 17.73 4.50 -14.88
C LEU B 302 16.33 4.85 -15.40
N PRO B 303 16.07 6.09 -15.91
CA PRO B 303 14.71 6.50 -16.25
C PRO B 303 14.01 5.67 -17.33
N ASN B 304 14.79 5.01 -18.20
CA ASN B 304 14.22 4.32 -19.34
C ASN B 304 14.11 2.81 -19.11
N ALA B 305 14.50 2.31 -17.94
CA ALA B 305 14.55 0.87 -17.75
C ALA B 305 13.20 0.29 -17.32
N LEU B 306 13.03 -1.00 -17.57
CA LEU B 306 11.93 -1.77 -17.00
C LEU B 306 12.45 -2.34 -15.68
N ILE B 307 11.97 -1.79 -14.56
CA ILE B 307 12.46 -2.15 -13.24
C ILE B 307 11.32 -2.83 -12.48
N ARG B 308 11.62 -4.02 -11.92
CA ARG B 308 10.58 -4.91 -11.41
C ARG B 308 10.98 -5.42 -10.03
N THR B 309 9.96 -5.83 -9.25
CA THR B 309 10.19 -6.63 -8.07
C THR B 309 10.43 -8.08 -8.52
N ALA B 310 11.11 -8.83 -7.64
CA ALA B 310 11.26 -10.25 -7.87
C ALA B 310 11.08 -10.95 -6.53
N GLY B 311 12.07 -11.74 -6.11
CA GLY B 311 11.97 -12.43 -4.85
C GLY B 311 11.84 -11.47 -3.68
N GLY B 312 11.11 -11.92 -2.65
CA GLY B 312 11.11 -11.29 -1.36
C GLY B 312 10.10 -10.17 -1.23
N ARG B 313 9.33 -9.89 -2.28
CA ARG B 313 8.41 -8.77 -2.31
C ARG B 313 7.37 -8.86 -1.19
N GLU B 314 6.56 -9.93 -1.18
CA GLU B 314 5.46 -10.07 -0.26
C GLU B 314 5.96 -10.02 1.19
N VAL B 315 7.00 -10.81 1.49
CA VAL B 315 7.46 -11.02 2.85
C VAL B 315 8.12 -9.76 3.41
N ASN B 316 8.73 -8.92 2.58
CA ASN B 316 9.53 -7.82 3.12
C ASN B 316 8.86 -6.45 2.95
N LEU B 317 7.92 -6.31 2.01
CA LEU B 317 7.14 -5.08 1.83
C LEU B 317 5.73 -5.18 2.44
N ARG B 318 5.14 -6.38 2.53
CA ARG B 318 3.87 -6.61 3.20
C ARG B 318 2.83 -5.67 2.60
N ASP B 319 2.12 -4.87 3.43
CA ASP B 319 1.05 -4.04 2.86
C ASP B 319 1.56 -2.78 2.16
N LEU B 320 2.88 -2.60 1.99
CA LEU B 320 3.42 -1.48 1.22
C LEU B 320 3.88 -1.91 -0.19
N GLN B 321 3.59 -3.15 -0.60
CA GLN B 321 3.98 -3.62 -1.92
C GLN B 321 3.46 -2.70 -3.01
N ALA B 322 2.25 -2.18 -2.82
CA ALA B 322 1.59 -1.39 -3.83
C ALA B 322 2.35 -0.09 -4.09
N TYR B 323 3.14 0.39 -3.10
CA TYR B 323 3.89 1.63 -3.26
C TYR B 323 4.89 1.53 -4.41
N ALA B 324 5.45 0.32 -4.66
CA ALA B 324 6.53 0.15 -5.63
C ALA B 324 6.10 0.59 -7.03
N LEU B 325 4.90 0.17 -7.45
CA LEU B 325 4.46 0.45 -8.81
C LEU B 325 4.02 1.90 -9.01
N LYS B 326 3.85 2.66 -7.92
CA LYS B 326 3.65 4.11 -8.04
C LYS B 326 4.81 4.83 -7.35
N GLY B 327 5.94 4.13 -7.28
CA GLY B 327 7.16 4.71 -6.75
C GLY B 327 8.39 4.36 -7.59
N GLY B 328 8.19 4.11 -8.90
CA GLY B 328 9.28 4.02 -9.83
C GLY B 328 9.38 2.66 -10.54
N LEU B 329 8.76 1.60 -9.99
CA LEU B 329 8.83 0.30 -10.67
C LEU B 329 7.71 0.19 -11.69
N ASN B 330 7.92 -0.62 -12.75
CA ASN B 330 6.90 -0.83 -13.75
C ASN B 330 6.88 -2.28 -14.26
N GLY B 331 7.20 -3.20 -13.36
CA GLY B 331 7.16 -4.63 -13.61
C GLY B 331 7.03 -5.39 -12.29
N ILE B 332 6.56 -6.64 -12.39
CA ILE B 332 6.35 -7.47 -11.20
C ILE B 332 6.49 -8.95 -11.57
N MET B 333 7.18 -9.71 -10.73
CA MET B 333 7.22 -11.16 -10.81
C MET B 333 6.11 -11.74 -9.91
N VAL B 334 5.24 -12.56 -10.49
CA VAL B 334 4.12 -13.15 -9.77
C VAL B 334 4.29 -14.67 -9.76
N GLY B 335 3.50 -15.34 -8.90
CA GLY B 335 3.42 -16.79 -8.87
C GLY B 335 4.52 -17.39 -7.99
N GLY B 336 5.16 -16.58 -7.15
CA GLY B 336 6.22 -17.13 -6.32
C GLY B 336 7.53 -17.34 -7.07
N TYR B 337 8.49 -17.98 -6.39
CA TYR B 337 9.91 -17.90 -6.72
C TYR B 337 10.47 -19.32 -6.89
N LEU B 338 11.70 -19.56 -6.43
CA LEU B 338 12.38 -20.82 -6.69
C LEU B 338 12.10 -21.83 -5.58
N THR B 339 12.45 -21.46 -4.34
CA THR B 339 12.21 -22.29 -3.18
C THR B 339 11.35 -21.55 -2.16
N THR B 340 10.81 -20.37 -2.54
CA THR B 340 10.01 -19.56 -1.64
C THR B 340 8.77 -19.14 -2.38
N GLY B 341 7.71 -18.86 -1.62
CA GLY B 341 6.41 -18.65 -2.21
C GLY B 341 6.08 -17.17 -2.38
N GLY B 342 4.93 -16.95 -3.05
CA GLY B 342 4.32 -15.64 -3.16
C GLY B 342 2.83 -15.73 -2.90
N ARG B 343 2.12 -14.62 -3.08
CA ARG B 343 0.69 -14.61 -2.87
C ARG B 343 0.00 -15.00 -4.16
N SER B 344 -1.33 -15.07 -4.13
CA SER B 344 -2.10 -15.39 -5.31
C SER B 344 -1.90 -14.34 -6.40
N PRO B 345 -1.56 -14.73 -7.64
CA PRO B 345 -1.35 -13.74 -8.70
C PRO B 345 -2.57 -12.88 -9.00
N GLN B 346 -3.77 -13.41 -8.75
CA GLN B 346 -4.97 -12.62 -8.98
C GLN B 346 -4.97 -11.37 -8.09
N ASP B 347 -4.44 -11.47 -6.86
CA ASP B 347 -4.33 -10.30 -6.01
C ASP B 347 -3.39 -9.28 -6.65
N ASP B 348 -2.32 -9.75 -7.30
CA ASP B 348 -1.39 -8.85 -7.96
C ASP B 348 -2.05 -8.15 -9.14
N LEU B 349 -2.84 -8.87 -9.93
CA LEU B 349 -3.49 -8.25 -11.07
C LEU B 349 -4.50 -7.21 -10.58
N GLN B 350 -5.22 -7.51 -9.49
CA GLN B 350 -6.15 -6.56 -8.91
C GLN B 350 -5.40 -5.32 -8.43
N MET B 351 -4.21 -5.49 -7.86
CA MET B 351 -3.46 -4.35 -7.33
C MET B 351 -3.05 -3.42 -8.48
N ILE B 352 -2.58 -4.00 -9.60
CA ILE B 352 -2.23 -3.23 -10.79
C ILE B 352 -3.43 -2.42 -11.28
N GLN B 353 -4.59 -3.05 -11.33
CA GLN B 353 -5.77 -2.34 -11.78
C GLN B 353 -6.15 -1.22 -10.81
N ASP B 354 -6.07 -1.49 -9.51
CA ASP B 354 -6.42 -0.51 -8.49
C ASP B 354 -5.51 0.72 -8.55
N LEU B 355 -4.27 0.53 -9.02
CA LEU B 355 -3.34 1.64 -9.16
C LEU B 355 -3.57 2.40 -10.48
N GLU B 356 -4.58 2.01 -11.27
CA GLU B 356 -4.90 2.62 -12.56
C GLU B 356 -3.75 2.42 -13.55
N LEU B 357 -3.07 1.29 -13.47
CA LEU B 357 -2.06 0.95 -14.44
C LEU B 357 -2.62 -0.16 -15.32
N THR B 358 -1.98 -0.39 -16.47
CA THR B 358 -2.44 -1.39 -17.41
C THR B 358 -1.45 -2.53 -17.46
N ARG B 359 -1.90 -3.62 -18.06
CA ARG B 359 -1.08 -4.80 -18.27
C ARG B 359 -0.56 -4.77 -19.69
N ASN B 360 0.76 -4.91 -19.74
CA ASN B 360 1.58 -4.88 -20.92
C ASN B 360 1.18 -6.05 -21.83
N THR B 361 1.14 -5.78 -23.16
CA THR B 361 0.96 -6.72 -24.27
C THR B 361 -0.31 -7.56 -24.06
S4 Q46 C . -15.68 8.14 18.13
FE1 Q46 C . -14.28 8.51 16.49
FE3 Q46 C . -15.75 6.30 17.00
FE2 Q46 C . -13.97 7.10 18.88
S3 Q46 C . -12.48 7.80 17.49
FE4 Q46 C . -13.08 6.02 16.46
S2 Q46 C . -14.64 6.83 15.20
S1 Q46 C . -14.27 5.14 18.02
S5 Q46 C . -17.77 5.43 16.85
N SAM D . -27.83 5.43 14.95
CA SAM D . -26.67 6.27 15.38
C SAM D . -26.40 7.38 14.35
O SAM D . -25.62 8.28 14.70
OXT SAM D . -26.94 7.29 13.23
CB SAM D . -25.43 5.39 15.57
CG SAM D . -25.19 4.47 14.38
SD SAM D . -23.62 5.00 13.69
CE SAM D . -23.79 6.72 13.34
C5' SAM D . -23.68 4.17 12.12
C4' SAM D . -22.67 4.88 11.24
O4' SAM D . -22.06 3.90 10.39
C3' SAM D . -23.31 5.92 10.34
O3' SAM D . -23.17 7.22 10.90
C2' SAM D . -22.57 5.77 9.00
O2' SAM D . -21.69 6.84 8.81
C1' SAM D . -21.86 4.40 9.08
N9 SAM D . -22.40 3.40 8.15
C8 SAM D . -23.62 2.77 8.25
N7 SAM D . -23.83 1.91 7.29
C5 SAM D . -22.74 2.00 6.44
C6 SAM D . -22.41 1.37 5.23
N6 SAM D . -23.19 0.47 4.63
N1 SAM D . -21.21 1.66 4.67
C2 SAM D . -20.44 2.57 5.28
N3 SAM D . -20.66 3.24 6.43
C4 SAM D . -21.84 2.92 6.97
FE1 SF4 E . -28.63 3.37 10.76
FE2 SF4 E . -28.07 5.30 12.69
FE3 SF4 E . -30.63 4.41 12.29
FE4 SF4 E . -29.48 5.89 10.30
S1 SF4 E . -29.92 6.56 12.37
S2 SF4 E . -30.68 4.08 10.03
S3 SF4 E . -27.22 5.19 10.58
S4 SF4 E . -28.85 3.09 13.02
CN DTB F . -17.97 5.53 12.02
O DTB F . -17.82 6.65 11.51
N2 DTB F . -18.31 4.42 11.36
CR DTB F . -18.26 3.23 12.19
CS DTB F . -18.41 3.87 13.58
N1 DTB F . -17.87 5.19 13.32
CT DTB F . -19.82 3.93 14.13
CE DTB F . -19.31 2.23 11.76
CD DTB F . -19.05 1.61 10.38
CG DTB F . -20.18 0.74 9.90
CB DTB F . -19.90 0.02 8.59
CA DTB F . -21.07 -0.80 8.11
C DTB F . -21.55 -1.88 9.06
OI1 DTB F . -20.67 -2.59 9.68
OI2 DTB F . -22.79 -2.01 9.20
NA NA G . -0.41 11.19 6.25
S4 Q46 H . 14.17 -12.57 -16.99
FE1 Q46 H . 13.74 -10.75 -15.99
FE3 Q46 H . 13.41 -13.36 -15.14
FE2 Q46 H . 12.26 -12.62 -17.55
S3 Q46 H . 11.94 -10.60 -16.81
FE4 Q46 H . 11.27 -11.69 -15.07
S2 Q46 H . 12.96 -11.48 -14.13
S1 Q46 H . 11.50 -13.69 -15.82
S5 Q46 H . 14.41 -15.11 -14.28
CN DTB I . 15.49 -12.90 -10.12
O DTB I . 16.14 -11.81 -10.22
N2 DTB I . 15.20 -13.55 -8.98
CR DTB I . 14.22 -14.61 -9.18
CS DTB I . 14.45 -14.89 -10.67
N1 DTB I . 14.96 -13.61 -11.13
CT DTB I . 15.44 -16.02 -10.91
CE DTB I . 14.42 -15.76 -8.21
CD DTB I . 14.31 -15.35 -6.74
CG DTB I . 14.57 -16.43 -5.71
CB DTB I . 14.13 -16.06 -4.29
CA DTB I . 14.55 -17.05 -3.25
C DTB I . 14.06 -18.47 -3.49
OI1 DTB I . 14.90 -19.41 -3.29
OI2 DTB I . 12.88 -18.64 -3.90
FE1 SF4 J . 22.29 -20.37 -5.98
FE2 SF4 J . 24.63 -19.07 -6.47
FE3 SF4 J . 22.93 -19.68 -8.63
FE4 SF4 J . 24.23 -21.66 -7.25
S1 SF4 J . 25.15 -19.91 -8.51
S2 SF4 J . 22.08 -21.72 -7.82
S3 SF4 J . 24.31 -20.82 -5.14
S4 SF4 J . 22.50 -18.24 -6.87
N SAM K . 22.30 -20.46 -10.68
CA SAM K . 21.86 -19.50 -11.72
C SAM K . 22.50 -18.12 -11.46
O SAM K . 23.17 -17.99 -10.42
OXT SAM K . 22.30 -17.23 -12.31
CB SAM K . 20.32 -19.40 -11.71
CG SAM K . 19.74 -19.28 -10.30
SD SAM K . 18.98 -17.66 -10.10
CE SAM K . 20.12 -16.51 -10.81
C5' SAM K . 19.09 -17.35 -8.35
C4' SAM K . 18.84 -15.86 -8.20
O4' SAM K . 17.82 -15.67 -7.20
C3' SAM K . 20.08 -15.06 -7.78
O3' SAM K . 20.63 -14.37 -8.90
C2' SAM K . 19.57 -14.13 -6.67
O2' SAM K . 19.54 -12.79 -7.13
C1' SAM K . 18.17 -14.65 -6.31
N9 SAM K . 18.10 -15.20 -4.96
C8 SAM K . 18.63 -16.40 -4.55
N7 SAM K . 18.44 -16.64 -3.28
C5 SAM K . 17.75 -15.54 -2.82
C6 SAM K . 17.25 -15.18 -1.54
N6 SAM K . 17.40 -15.96 -0.48
N1 SAM K . 16.61 -14.00 -1.40
C2 SAM K . 16.44 -13.24 -2.49
N3 SAM K . 16.86 -13.46 -3.74
C4 SAM K . 17.53 -14.63 -3.84
#